data_6BVW
#
_entry.id   6BVW
#
_entity_poly.entity_id   1
_entity_poly.type   'polypeptide(L)'
_entity_poly.pdbx_seq_one_letter_code
;CTASIPPICH(DPN)(MMO)(E9M)R
;
_entity_poly.pdbx_strand_id   A
#
# COMPACT_ATOMS: atom_id res chain seq x y z
N CYS A 1 2.64 -2.78 -0.87
CA CYS A 1 1.91 -1.53 -0.99
C CYS A 1 1.57 -1.23 -2.44
N THR A 2 0.43 -0.58 -2.66
CA THR A 2 -0.02 -0.23 -4.00
C THR A 2 0.26 1.22 -4.32
N ALA A 3 -0.19 1.66 -5.48
CA ALA A 3 0.00 3.05 -5.91
C ALA A 3 -1.24 3.89 -5.62
N SER A 4 -2.09 3.40 -4.73
CA SER A 4 -3.31 4.11 -4.37
C SER A 4 -3.00 5.52 -3.89
N ILE A 5 -4.01 6.38 -3.91
CA ILE A 5 -3.85 7.76 -3.46
C ILE A 5 -4.90 8.14 -2.43
N PRO A 6 -4.49 8.19 -1.16
CA PRO A 6 -3.10 7.92 -0.77
C PRO A 6 -2.75 6.44 -0.92
N PRO A 7 -1.44 6.14 -0.82
CA PRO A 7 -0.94 4.76 -0.94
C PRO A 7 -1.34 3.90 0.25
N ILE A 8 -1.49 2.60 0.00
CA ILE A 8 -1.85 1.66 1.05
C ILE A 8 -0.77 0.62 1.27
N CYS A 9 -0.69 0.09 2.49
CA CYS A 9 0.30 -0.92 2.83
C CYS A 9 -0.30 -2.00 3.72
N HIS A 10 -0.48 -3.19 3.17
CA HIS A 10 -1.04 -4.31 3.93
C HIS A 10 0.04 -5.31 4.30
N DPN A 11 1.26 -4.82 4.52
CA DPN A 11 2.37 -5.67 4.88
C DPN A 11 3.69 -4.88 4.89
O DPN A 11 3.68 -3.67 5.07
CB DPN A 11 2.14 -6.31 6.25
CG DPN A 11 1.44 -5.40 7.22
CD1 DPN A 11 0.19 -5.73 7.72
CD2 DPN A 11 2.03 -4.22 7.63
CE1 DPN A 11 -0.46 -4.90 8.61
CE2 DPN A 11 1.38 -3.37 8.51
CZ DPN A 11 0.14 -3.72 9.01
H DPN A 11 1.40 -3.85 4.43
HA DPN A 11 2.45 -6.45 4.14
HB2 DPN A 11 3.10 -6.58 6.69
HB3 DPN A 11 1.54 -7.19 6.14
HD1 DPN A 11 -0.28 -6.65 7.41
HD2 DPN A 11 3.00 -3.94 7.25
HE1 DPN A 11 -1.43 -5.17 8.99
HE2 DPN A 11 1.85 -2.45 8.83
HZ DPN A 11 -0.37 -3.06 9.70
N MMO A 12 4.80 -5.60 4.70
CA MMO A 12 6.10 -4.96 4.68
C MMO A 12 6.96 -5.51 3.54
O MMO A 12 7.83 -6.36 3.76
CB MMO A 12 6.82 -5.18 6.02
CG MMO A 12 6.30 -4.28 7.14
CD MMO A 12 7.18 -4.38 8.38
NE MMO A 12 7.36 -5.76 8.81
CZ MMO A 12 8.11 -6.11 9.84
NH2 MMO A 12 8.75 -5.18 10.55
NH1 MMO A 12 8.24 -7.39 10.18
CN MMO A 12 4.70 -7.05 4.49
HA MMO A 12 5.97 -3.90 4.53
HCB1 MMO A 12 6.69 -6.21 6.33
HCB2 MMO A 12 7.87 -4.98 5.89
HCG1 MMO A 12 6.30 -3.26 6.79
HCG2 MMO A 12 5.31 -4.58 7.39
HCD1 MMO A 12 8.14 -3.94 8.16
HCD2 MMO A 12 6.71 -3.81 9.17
HH21 MMO A 12 8.66 -4.22 10.31
HH22 MMO A 12 9.32 -5.45 11.34
HH11 MMO A 12 7.75 -8.09 9.65
HC1 MMO A 12 4.14 -7.25 3.58
HC2 MMO A 12 4.18 -7.50 5.34
HC3 MMO A 12 5.70 -7.47 4.41
HE MMO A 12 6.90 -6.46 8.30
HH12 MMO A 12 8.80 -7.65 10.96
N E9M A 13 6.72 -5.01 2.34
CA E9M A 13 5.69 -4.00 2.12
CG E9M A 13 7.48 -2.48 3.05
CD1 E9M A 13 8.76 -2.92 2.82
CD2 E9M A 13 7.49 -1.88 4.35
CE2 E9M A 13 8.81 -1.99 4.85
C E9M A 13 4.96 -4.25 0.80
O E9M A 13 5.46 -3.90 -0.27
CB E9M A 13 6.31 -2.61 2.12
CE3 E9M A 13 6.52 -1.24 5.13
NE1 E9M A 13 9.55 -2.63 3.91
CZ3 E9M A 13 6.88 -0.76 6.37
CZ2 E9M A 13 9.16 -1.49 6.10
CH2 E9M A 13 8.19 -0.88 6.84
CN2 E9M A 13 7.51 -5.49 1.19
HA E9M A 13 4.99 -4.08 2.93
HD1 E9M A 13 9.07 -3.43 1.93
HB3 E9M A 13 5.56 -1.88 2.43
HB2 E9M A 13 6.65 -2.36 1.12
HE3 E9M A 13 5.51 -1.13 4.78
HE1 E9M A 13 10.51 -2.84 3.98
HZ3 E9M A 13 6.14 -0.27 6.99
HZ2 E9M A 13 10.17 -1.58 6.48
HH2 E9M A 13 8.42 -0.49 7.83
HN3 E9M A 13 7.79 -4.65 0.57
HN1 E9M A 13 6.91 -6.19 0.61
HN2 E9M A 13 8.40 -6.01 1.55
N ARG A 14 3.78 -4.85 0.88
CA ARG A 14 2.98 -5.14 -0.30
C ARG A 14 2.07 -3.97 -0.64
N CYS A 1 2.35 -2.81 -1.11
CA CYS A 1 1.58 -1.56 -1.11
C CYS A 1 0.90 -1.35 -2.46
N THR A 2 -0.13 -0.51 -2.46
CA THR A 2 -0.87 -0.22 -3.69
C THR A 2 -0.26 0.95 -4.44
N ALA A 3 -0.95 1.42 -5.48
CA ALA A 3 -0.47 2.54 -6.27
C ALA A 3 -1.43 3.73 -6.17
N SER A 4 -2.66 3.46 -5.79
CA SER A 4 -3.67 4.50 -5.66
C SER A 4 -3.21 5.59 -4.69
N ILE A 5 -4.05 6.60 -4.49
CA ILE A 5 -3.73 7.70 -3.60
C ILE A 5 -4.92 8.06 -2.72
N PRO A 6 -4.69 8.16 -1.41
CA PRO A 6 -3.35 7.92 -0.83
C PRO A 6 -2.94 6.46 -0.89
N PRO A 7 -1.63 6.22 -0.76
CA PRO A 7 -1.07 4.86 -0.82
C PRO A 7 -1.44 4.04 0.41
N ILE A 8 -1.33 2.73 0.30
CA ILE A 8 -1.66 1.83 1.40
C ILE A 8 -0.64 0.69 1.51
N CYS A 9 -0.47 0.16 2.71
CA CYS A 9 0.47 -0.92 2.95
C CYS A 9 -0.16 -2.00 3.82
N HIS A 10 -0.44 -3.16 3.22
CA HIS A 10 -1.04 -4.27 3.94
C HIS A 10 0.00 -5.33 4.28
N DPN A 11 1.25 -4.90 4.42
CA DPN A 11 2.35 -5.81 4.74
C DPN A 11 3.66 -5.06 4.82
O DPN A 11 3.70 -3.85 5.09
CB DPN A 11 2.07 -6.53 6.05
CG DPN A 11 1.36 -5.67 7.07
CD1 DPN A 11 0.10 -6.00 7.52
CD2 DPN A 11 1.97 -4.54 7.57
CE1 DPN A 11 -0.55 -5.22 8.45
CE2 DPN A 11 1.34 -3.74 8.50
CZ DPN A 11 0.07 -4.08 8.95
H DPN A 11 1.44 -3.95 4.30
HA DPN A 11 2.41 -6.54 3.95
HB2 DPN A 11 2.99 -6.86 6.48
HB3 DPN A 11 1.44 -7.39 5.87
HD1 DPN A 11 -0.39 -6.89 7.14
HD2 DPN A 11 2.96 -4.27 7.22
HE1 DPN A 11 -1.54 -5.49 8.80
HE2 DPN A 11 1.82 -2.85 8.88
HZ DPN A 11 -0.43 -3.47 9.68
N MMO A 12 4.76 -5.77 4.59
CA MMO A 12 6.10 -5.18 4.65
C MMO A 12 6.96 -5.67 3.50
O MMO A 12 7.80 -6.56 3.67
CB MMO A 12 6.77 -5.50 5.98
CG MMO A 12 6.40 -4.55 7.10
CD MMO A 12 7.32 -4.70 8.30
NE MMO A 12 8.73 -4.55 7.93
CZ MMO A 12 9.74 -4.89 8.72
NH2 MMO A 12 9.50 -5.40 9.93
NH1 MMO A 12 10.99 -4.72 8.32
CN MMO A 12 4.64 -7.20 4.29
HA MMO A 12 5.98 -4.11 4.57
HCB1 MMO A 12 6.48 -6.50 6.29
HCB2 MMO A 12 7.84 -5.47 5.85
HCG1 MMO A 12 6.47 -3.53 6.74
HCG2 MMO A 12 5.39 -4.74 7.41
HCD1 MMO A 12 7.08 -3.96 9.03
HCD2 MMO A 12 7.18 -5.69 8.72
HH21 MMO A 12 8.56 -5.53 10.24
HH22 MMO A 12 10.26 -5.66 10.52
HH11 MMO A 12 11.18 -4.34 7.42
HC1 MMO A 12 4.09 -7.70 5.09
HC2 MMO A 12 5.63 -7.65 4.20
HC3 MMO A 12 4.09 -7.33 3.35
HE MMO A 12 8.93 -4.17 7.05
HH12 MMO A 12 11.75 -4.97 8.92
N E9M A 13 6.75 -5.10 2.32
CA E9M A 13 5.75 -4.06 2.14
CG E9M A 13 7.52 -2.60 3.21
CD1 E9M A 13 8.79 -3.06 3.05
CD2 E9M A 13 7.45 -2.03 4.52
CE2 E9M A 13 8.73 -2.17 5.09
C E9M A 13 5.01 -4.22 0.82
O E9M A 13 5.51 -3.83 -0.23
CB E9M A 13 6.39 -2.68 2.22
CE3 E9M A 13 6.46 -1.39 5.26
NE1 E9M A 13 9.53 -2.81 4.17
CZ3 E9M A 13 6.75 -0.95 6.54
CZ2 E9M A 13 9.04 -1.72 6.37
CH2 E9M A 13 8.04 -1.11 7.07
CN2 E9M A 13 7.54 -5.53 1.16
HA E9M A 13 5.03 -4.15 2.95
HD1 E9M A 13 9.14 -3.56 2.15
HB3 E9M A 13 5.64 -1.95 2.50
HB2 E9M A 13 6.78 -2.42 1.25
HE3 E9M A 13 5.46 -1.26 4.86
HE1 E9M A 13 10.47 -3.04 4.30
HZ3 E9M A 13 5.99 -0.46 7.13
HZ2 E9M A 13 10.02 -1.84 6.81
HH2 E9M A 13 8.23 -0.74 8.08
HN3 E9M A 13 8.49 -5.93 1.50
HN1 E9M A 13 7.73 -4.67 0.51
HN2 E9M A 13 7.00 -6.29 0.61
N ARG A 14 3.82 -4.81 0.87
CA ARG A 14 3.02 -5.02 -0.33
C ARG A 14 1.97 -3.92 -0.49
N CYS A 1 1.87 -2.79 -1.09
CA CYS A 1 0.81 -1.79 -1.20
C CYS A 1 0.01 -1.99 -2.49
N THR A 2 -1.15 -1.35 -2.56
CA THR A 2 -2.01 -1.45 -3.73
C THR A 2 -1.79 -0.27 -4.67
N ALA A 3 -0.69 0.44 -4.48
CA ALA A 3 -0.37 1.59 -5.31
C ALA A 3 -1.57 2.52 -5.47
N SER A 4 -2.03 3.08 -4.35
CA SER A 4 -3.17 3.97 -4.35
C SER A 4 -2.77 5.38 -3.93
N ILE A 5 -3.75 6.29 -3.87
CA ILE A 5 -3.49 7.66 -3.48
C ILE A 5 -4.59 8.18 -2.56
N PRO A 6 -4.30 8.25 -1.26
CA PRO A 6 -3.00 7.83 -0.71
C PRO A 6 -2.79 6.32 -0.79
N PRO A 7 -1.53 5.91 -0.96
CA PRO A 7 -1.17 4.49 -1.05
C PRO A 7 -1.33 3.76 0.28
N ILE A 8 -1.88 2.56 0.24
CA ILE A 8 -2.09 1.76 1.43
C ILE A 8 -1.21 0.51 1.42
N CYS A 9 -0.57 0.22 2.55
CA CYS A 9 0.29 -0.94 2.67
C CYS A 9 -0.31 -1.96 3.62
N HIS A 10 -0.46 -3.20 3.14
CA HIS A 10 -1.02 -4.28 3.95
C HIS A 10 0.05 -5.29 4.33
N DPN A 11 1.29 -4.82 4.43
CA DPN A 11 2.41 -5.69 4.80
C DPN A 11 3.72 -4.91 4.83
O DPN A 11 3.72 -3.69 5.03
CB DPN A 11 2.16 -6.35 6.15
CG DPN A 11 1.47 -5.46 7.14
CD1 DPN A 11 0.21 -5.77 7.62
CD2 DPN A 11 2.07 -4.29 7.58
CE1 DPN A 11 -0.44 -4.94 8.53
CE2 DPN A 11 1.44 -3.46 8.48
CZ DPN A 11 0.19 -3.79 8.96
H DPN A 11 1.46 -3.87 4.27
HA DPN A 11 2.48 -6.46 4.04
HB2 DPN A 11 3.11 -6.65 6.58
HB3 DPN A 11 1.55 -7.23 6.00
HD1 DPN A 11 -0.27 -6.68 7.28
HD2 DPN A 11 3.05 -4.03 7.21
HE1 DPN A 11 -1.42 -5.20 8.89
HE2 DPN A 11 1.93 -2.56 8.82
HZ DPN A 11 -0.31 -3.15 9.66
N MMO A 12 4.82 -5.61 4.62
CA MMO A 12 6.14 -4.97 4.64
C MMO A 12 7.00 -5.50 3.48
O MMO A 12 7.86 -6.36 3.67
CB MMO A 12 6.84 -5.24 5.97
CG MMO A 12 6.30 -4.41 7.12
CD MMO A 12 6.89 -4.84 8.45
NE MMO A 12 6.40 -6.17 8.86
CZ MMO A 12 6.49 -6.62 10.11
NH2 MMO A 12 7.03 -5.88 11.06
NH1 MMO A 12 6.02 -7.83 10.40
CN MMO A 12 4.73 -7.05 4.38
HA MMO A 12 6.00 -3.91 4.52
HCB1 MMO A 12 6.74 -6.28 6.22
HCB2 MMO A 12 7.90 -5.01 5.86
HCG1 MMO A 12 6.55 -3.37 6.95
HCG2 MMO A 12 5.23 -4.53 7.15
HCD1 MMO A 12 7.96 -4.89 8.36
HCD2 MMO A 12 6.62 -4.13 9.20
HH21 MMO A 12 7.38 -4.97 10.83
HH22 MMO A 12 7.09 -6.23 11.98
HH11 MMO A 12 5.60 -8.39 9.68
HC1 MMO A 12 4.21 -7.52 5.22
HC2 MMO A 12 5.73 -7.48 4.30
HC3 MMO A 12 4.18 -7.23 3.46
HE MMO A 12 5.99 -6.73 8.17
HH12 MMO A 12 6.07 -8.17 11.33
N E9M A 13 6.77 -4.96 2.29
CA E9M A 13 5.74 -3.93 2.10
CG E9M A 13 7.54 -2.45 3.09
CD1 E9M A 13 8.81 -2.90 2.85
CD2 E9M A 13 7.55 -1.89 4.41
CE2 E9M A 13 8.86 -2.03 4.91
C E9M A 13 5.02 -4.13 0.77
O E9M A 13 5.58 -3.85 -0.30
CB E9M A 13 6.37 -2.54 2.16
CE3 E9M A 13 6.58 -1.29 5.21
NE1 E9M A 13 9.61 -2.65 3.94
CZ3 E9M A 13 6.94 -0.85 6.47
CZ2 E9M A 13 9.22 -1.58 6.18
CH2 E9M A 13 8.25 -1.00 6.94
CN2 E9M A 13 7.56 -5.40 1.14
HA E9M A 13 5.03 -4.03 2.90
HD1 E9M A 13 9.13 -3.37 1.94
HB3 E9M A 13 5.63 -1.84 2.50
HB2 E9M A 13 6.71 -2.26 1.17
HE3 E9M A 13 5.57 -1.17 4.87
HE1 E9M A 13 10.56 -2.87 4.01
HZ3 E9M A 13 6.20 -0.38 7.11
HZ2 E9M A 13 10.22 -1.69 6.56
HH2 E9M A 13 8.48 -0.64 7.93
HN3 E9M A 13 6.95 -6.07 0.52
HN1 E9M A 13 8.44 -5.94 1.48
HN2 E9M A 13 7.85 -4.55 0.54
N ARG A 14 3.79 -4.61 0.84
CA ARG A 14 2.99 -4.84 -0.36
C ARG A 14 1.77 -3.93 -0.39
N CYS A 1 1.65 -2.37 -1.00
CA CYS A 1 0.57 -1.45 -1.33
C CYS A 1 -0.30 -2.02 -2.44
N THR A 2 -1.59 -1.72 -2.39
CA THR A 2 -2.54 -2.19 -3.40
C THR A 2 -3.68 -1.21 -3.58
N ALA A 3 -3.42 0.07 -3.34
CA ALA A 3 -4.42 1.11 -3.49
C ALA A 3 -3.79 2.43 -3.89
N SER A 4 -4.45 3.15 -4.79
CA SER A 4 -3.96 4.44 -5.25
C SER A 4 -3.79 5.42 -4.10
N ILE A 5 -3.07 6.50 -4.34
CA ILE A 5 -2.83 7.51 -3.33
C ILE A 5 -4.15 7.96 -2.68
N PRO A 6 -4.18 7.94 -1.35
CA PRO A 6 -3.04 7.52 -0.53
C PRO A 6 -2.78 6.03 -0.63
N PRO A 7 -1.48 5.66 -0.73
CA PRO A 7 -1.07 4.26 -0.84
C PRO A 7 -1.28 3.49 0.45
N ILE A 8 -2.09 2.44 0.38
CA ILE A 8 -2.38 1.61 1.55
C ILE A 8 -1.60 0.30 1.50
N CYS A 9 -0.66 0.15 2.42
CA CYS A 9 0.16 -1.07 2.48
C CYS A 9 -0.36 -2.01 3.56
N HIS A 10 -0.51 -3.28 3.22
CA HIS A 10 -0.99 -4.29 4.16
C HIS A 10 0.13 -5.24 4.55
N DPN A 11 1.37 -4.75 4.52
CA DPN A 11 2.52 -5.56 4.88
C DPN A 11 3.81 -4.75 4.76
O DPN A 11 3.80 -3.53 4.86
CB DPN A 11 2.38 -6.11 6.30
CG DPN A 11 1.69 -5.15 7.24
CD1 DPN A 11 0.49 -5.49 7.84
CD2 DPN A 11 2.26 -3.92 7.53
CE1 DPN A 11 -0.14 -4.62 8.70
CE2 DPN A 11 1.63 -3.04 8.39
CZ DPN A 11 0.44 -3.39 8.97
H DPN A 11 1.50 -3.82 4.26
HA DPN A 11 2.57 -6.39 4.19
HB2 DPN A 11 3.36 -6.32 6.70
HB3 DPN A 11 1.80 -7.01 6.27
HD1 DPN A 11 0.04 -6.45 7.61
HD2 DPN A 11 3.20 -3.64 7.07
HE1 DPN A 11 -1.08 -4.89 9.16
HE2 DPN A 11 2.08 -2.08 8.61
HZ DPN A 11 -0.06 -2.70 9.65
N MMO A 12 4.92 -5.45 4.55
CA MMO A 12 6.22 -4.79 4.42
C MMO A 12 6.96 -5.30 3.18
O MMO A 12 7.82 -6.18 3.28
CB MMO A 12 7.07 -5.03 5.67
CG MMO A 12 6.57 -4.27 6.89
CD MMO A 12 7.23 -4.77 8.16
NE MMO A 12 6.93 -6.18 8.41
CZ MMO A 12 7.50 -6.89 9.38
NH2 MMO A 12 8.40 -6.33 10.19
NH1 MMO A 12 7.17 -8.17 9.56
CN MMO A 12 4.84 -6.91 4.44
HA MMO A 12 6.04 -3.73 4.30
HCB1 MMO A 12 7.05 -6.09 5.91
HCB2 MMO A 12 8.08 -4.73 5.47
HCG1 MMO A 12 6.81 -3.23 6.76
HCG2 MMO A 12 5.50 -4.40 6.97
HCD1 MMO A 12 8.30 -4.65 8.07
HCD2 MMO A 12 6.87 -4.19 9.00
HH21 MMO A 12 8.64 -5.38 10.06
HH22 MMO A 12 8.82 -6.87 10.91
HH11 MMO A 12 6.50 -8.59 8.95
HC1 MMO A 12 5.85 -7.32 4.33
HC2 MMO A 12 4.24 -7.18 3.57
HC3 MMO A 12 4.39 -7.32 5.34
HE MMO A 12 6.27 -6.62 7.83
HH12 MMO A 12 7.59 -8.70 10.28
N E9M A 13 6.63 -4.75 2.03
CA E9M A 13 5.60 -3.71 1.94
CG E9M A 13 7.49 -2.27 2.82
CD1 E9M A 13 8.73 -2.74 2.46
CD2 E9M A 13 7.62 -1.73 4.13
CE2 E9M A 13 8.97 -1.90 4.52
C E9M A 13 4.77 -3.87 0.67
O E9M A 13 5.25 -3.58 -0.43
CB E9M A 13 6.24 -2.32 1.99
CE3 E9M A 13 6.74 -1.13 5.03
NE1 E9M A 13 9.62 -2.51 3.48
CZ3 E9M A 13 7.21 -0.71 6.25
CZ2 E9M A 13 9.45 -1.48 5.76
CH2 E9M A 13 8.55 -0.89 6.61
CN2 E9M A 13 7.30 -5.19 0.80
HA E9M A 13 4.95 -3.82 2.80
HD1 E9M A 13 8.96 -3.20 1.52
HB3 E9M A 13 5.54 -1.62 2.40
HB2 E9M A 13 6.51 -2.03 0.98
HE3 E9M A 13 5.70 -0.98 4.77
HE1 E9M A 13 10.58 -2.76 3.47
HZ3 E9M A 13 6.54 -0.24 6.96
HZ2 E9M A 13 10.47 -1.61 6.05
HH2 E9M A 13 8.88 -0.55 7.59
HN3 E9M A 13 7.52 -4.32 0.17
HN1 E9M A 13 6.65 -5.87 0.25
HN2 E9M A 13 8.22 -5.70 1.05
N ARG A 14 3.54 -4.32 0.83
CA ARG A 14 2.64 -4.51 -0.31
C ARG A 14 1.51 -3.48 -0.28
N CYS A 1 2.96 -3.18 -0.77
CA CYS A 1 2.18 -1.95 -0.88
C CYS A 1 1.22 -2.02 -2.06
N THR A 2 0.22 -1.14 -2.05
CA THR A 2 -0.77 -1.10 -3.12
C THR A 2 -0.58 0.14 -3.99
N ALA A 3 -1.62 0.47 -4.78
CA ALA A 3 -1.57 1.63 -5.65
C ALA A 3 -2.79 2.51 -5.47
N SER A 4 -2.95 3.08 -4.28
CA SER A 4 -4.08 3.94 -3.98
C SER A 4 -3.63 5.37 -3.72
N ILE A 5 -4.59 6.29 -3.67
CA ILE A 5 -4.30 7.69 -3.42
C ILE A 5 -5.12 8.24 -2.27
N PRO A 6 -4.48 8.43 -1.10
CA PRO A 6 -3.05 8.15 -0.94
C PRO A 6 -2.76 6.65 -0.97
N PRO A 7 -1.47 6.29 -1.06
CA PRO A 7 -1.03 4.89 -1.11
C PRO A 7 -1.22 4.19 0.23
N ILE A 8 -1.62 2.93 0.18
CA ILE A 8 -1.84 2.14 1.39
C ILE A 8 -1.16 0.78 1.29
N CYS A 9 -0.48 0.38 2.35
CA CYS A 9 0.21 -0.91 2.38
C CYS A 9 -0.54 -1.90 3.27
N HIS A 10 -0.33 -3.18 3.01
CA HIS A 10 -0.98 -4.23 3.79
C HIS A 10 0.04 -5.27 4.26
N DPN A 11 1.29 -4.83 4.42
CA DPN A 11 2.35 -5.71 4.88
C DPN A 11 3.69 -4.97 4.94
O DPN A 11 3.73 -3.75 5.08
CB DPN A 11 2.02 -6.29 6.26
CG DPN A 11 1.30 -5.32 7.15
CD1 DPN A 11 0.02 -5.59 7.60
CD2 DPN A 11 1.92 -4.15 7.56
CE1 DPN A 11 -0.65 -4.70 8.41
CE2 DPN A 11 1.26 -3.25 8.38
CZ DPN A 11 -0.02 -3.53 8.81
H DPN A 11 1.49 -3.89 4.24
HA DPN A 11 2.43 -6.53 4.17
HB2 DPN A 11 2.93 -6.59 6.75
HB3 DPN A 11 1.39 -7.16 6.13
HD1 DPN A 11 -0.47 -6.50 7.28
HD2 DPN A 11 2.92 -3.93 7.22
HE1 DPN A 11 -1.65 -4.91 8.76
HE2 DPN A 11 1.75 -2.34 8.69
HZ DPN A 11 -0.53 -2.83 9.46
N MMO A 12 4.78 -5.72 4.82
CA MMO A 12 6.11 -5.14 4.86
C MMO A 12 7.01 -5.76 3.79
O MMO A 12 7.82 -6.63 4.07
CB MMO A 12 6.74 -5.35 6.24
CG MMO A 12 6.20 -4.41 7.30
CD MMO A 12 6.94 -4.58 8.62
NE MMO A 12 6.62 -3.50 9.57
CZ MMO A 12 7.05 -3.49 10.83
NH2 MMO A 12 7.81 -4.47 11.29
NH1 MMO A 12 6.72 -2.48 11.62
CN MMO A 12 4.64 -7.18 4.66
HA MMO A 12 6.01 -4.08 4.68
HCB1 MMO A 12 6.56 -6.36 6.55
HCB2 MMO A 12 7.81 -5.18 6.16
HCG1 MMO A 12 6.31 -3.40 6.97
HCG2 MMO A 12 5.15 -4.64 7.46
HCD1 MMO A 12 6.66 -5.53 9.07
HCD2 MMO A 12 8.00 -4.57 8.43
HH21 MMO A 12 8.06 -5.23 10.69
HH22 MMO A 12 8.13 -4.45 12.23
HH11 MMO A 12 6.15 -1.73 11.28
HC1 MMO A 12 4.12 -7.39 3.72
HC2 MMO A 12 4.05 -7.58 5.49
HC3 MMO A 12 5.62 -7.65 4.65
HE MMO A 12 6.06 -2.77 9.25
HH12 MMO A 12 7.04 -2.45 12.57
N E9M A 13 6.84 -5.29 2.55
CA E9M A 13 5.87 -4.25 2.26
CG E9M A 13 7.67 -2.75 3.24
CD1 E9M A 13 8.94 -3.25 3.10
CD2 E9M A 13 7.62 -2.12 4.52
CE2 E9M A 13 8.90 -2.26 5.10
C E9M A 13 5.20 -4.48 0.91
O E9M A 13 5.67 -4.03 -0.13
CB E9M A 13 6.54 -2.87 2.26
CE3 E9M A 13 6.64 -1.44 5.23
NE1 E9M A 13 9.68 -2.96 4.21
CZ3 E9M A 13 6.95 -0.93 6.47
CZ2 E9M A 13 9.21 -1.74 6.36
CH2 E9M A 13 8.22 -1.08 7.03
CN2 E9M A 13 7.67 -5.83 1.46
HA E9M A 13 5.11 -4.26 3.03
HD1 E9M A 13 9.28 -3.79 2.23
HB3 E9M A 13 5.81 -2.12 2.50
HB2 E9M A 13 6.95 -2.67 1.27
HE3 E9M A 13 5.65 -1.30 4.83
HE1 E9M A 13 10.62 -3.20 4.35
HZ3 E9M A 13 6.19 -0.40 7.05
HZ2 E9M A 13 10.19 -1.85 6.80
HH2 E9M A 13 8.42 -0.67 8.01
HN3 E9M A 13 7.14 -6.65 0.98
HN1 E9M A 13 8.61 -6.20 1.87
HN2 E9M A 13 7.87 -5.04 0.74
N ARG A 14 4.10 -5.23 0.93
CA ARG A 14 3.37 -5.55 -0.29
C ARG A 14 2.43 -4.40 -0.67
N CYS A 1 1.74 -2.21 -1.02
CA CYS A 1 0.66 -1.29 -1.33
C CYS A 1 -0.21 -1.84 -2.46
N THR A 2 -1.52 -1.62 -2.36
CA THR A 2 -2.46 -2.09 -3.37
C THR A 2 -3.69 -1.20 -3.43
N ALA A 3 -3.53 0.06 -3.07
CA ALA A 3 -4.63 1.02 -3.08
C ALA A 3 -4.19 2.37 -3.60
N SER A 4 -5.01 2.98 -4.46
CA SER A 4 -4.69 4.27 -5.03
C SER A 4 -4.33 5.28 -3.94
N ILE A 5 -3.63 6.34 -4.33
CA ILE A 5 -3.21 7.37 -3.38
C ILE A 5 -4.38 7.86 -2.54
N PRO A 6 -4.17 7.92 -1.22
CA PRO A 6 -2.90 7.55 -0.60
C PRO A 6 -2.64 6.05 -0.66
N PRO A 7 -1.35 5.67 -0.80
CA PRO A 7 -0.95 4.26 -0.87
C PRO A 7 -1.12 3.54 0.46
N ILE A 8 -1.86 2.44 0.43
CA ILE A 8 -2.11 1.65 1.63
C ILE A 8 -1.41 0.30 1.55
N CYS A 9 -0.39 0.13 2.40
CA CYS A 9 0.36 -1.12 2.43
C CYS A 9 -0.16 -2.05 3.53
N HIS A 10 -0.58 -3.24 3.12
CA HIS A 10 -1.11 -4.23 4.07
C HIS A 10 -0.01 -5.19 4.51
N DPN A 11 1.23 -4.73 4.47
CA DPN A 11 2.37 -5.56 4.86
C DPN A 11 3.67 -4.76 4.77
O DPN A 11 3.67 -3.54 4.86
CB DPN A 11 2.18 -6.07 6.29
CG DPN A 11 1.50 -5.09 7.20
CD1 DPN A 11 0.27 -5.39 7.77
CD2 DPN A 11 2.10 -3.88 7.49
CE1 DPN A 11 -0.35 -4.49 8.61
CE2 DPN A 11 1.48 -2.97 8.32
CZ DPN A 11 0.25 -3.27 8.89
H DPN A 11 1.39 -3.81 4.16
HA DPN A 11 2.42 -6.39 4.19
HB2 DPN A 11 3.14 -6.32 6.71
HB3 DPN A 11 1.57 -6.98 6.26
HD1 DPN A 11 -0.20 -6.33 7.55
HD2 DPN A 11 3.05 -3.64 7.05
HE1 DPN A 11 -1.31 -4.72 9.05
HE2 DPN A 11 1.95 -2.02 8.54
HZ DPN A 11 -0.24 -2.56 9.55
N MMO A 12 4.78 -5.48 4.60
CA MMO A 12 6.09 -4.85 4.50
C MMO A 12 6.86 -5.37 3.29
O MMO A 12 7.68 -6.28 3.41
CB MMO A 12 6.90 -5.09 5.77
CG MMO A 12 6.37 -4.34 6.99
CD MMO A 12 7.28 -4.53 8.19
NE MMO A 12 7.32 -5.91 8.63
CZ MMO A 12 8.30 -6.41 9.40
NH2 MMO A 12 9.30 -5.65 9.78
NH1 MMO A 12 8.26 -7.69 9.76
CN MMO A 12 4.69 -6.94 4.52
HA MMO A 12 5.94 -3.78 4.37
HCB1 MMO A 12 6.88 -6.15 6.01
HCB2 MMO A 12 7.92 -4.79 5.60
HCG1 MMO A 12 6.32 -3.28 6.75
HCG2 MMO A 12 5.39 -4.71 7.23
HCD1 MMO A 12 8.28 -4.21 7.92
HCD2 MMO A 12 6.91 -3.90 9.00
HH21 MMO A 12 9.33 -4.68 9.50
HH22 MMO A 12 10.03 -6.02 10.35
HH11 MMO A 12 7.50 -8.27 9.47
HC1 MMO A 12 4.19 -7.33 5.41
HC2 MMO A 12 5.68 -7.37 4.43
HC3 MMO A 12 4.09 -7.22 3.64
HE MMO A 12 6.59 -6.50 8.36
HH12 MMO A 12 8.99 -8.06 10.33
N E9M A 13 6.58 -4.79 2.13
CA E9M A 13 5.60 -3.72 2.02
CG E9M A 13 7.51 -2.39 3.01
CD1 E9M A 13 8.73 -2.90 2.68
CD2 E9M A 13 7.63 -1.88 4.33
CE2 E9M A 13 8.96 -2.12 4.75
C E9M A 13 4.84 -3.81 0.71
O E9M A 13 5.37 -3.48 -0.36
CB E9M A 13 6.29 -2.35 2.14
CE3 E9M A 13 6.75 -1.24 5.21
NE1 E9M A 13 9.61 -2.75 3.73
CZ3 E9M A 13 7.21 -0.87 6.46
CZ2 E9M A 13 9.42 -1.74 6.02
CH2 E9M A 13 8.53 -1.13 6.85
CN2 E9M A 13 7.27 -5.25 0.92
HA E9M A 13 4.90 -3.83 2.83
HD1 E9M A 13 8.96 -3.38 1.73
HB3 E9M A 13 5.59 -1.65 2.56
HB2 E9M A 13 6.58 -2.03 1.15
HE3 E9M A 13 5.73 -1.04 4.92
HE1 E9M A 13 10.54 -3.04 3.73
HZ3 E9M A 13 6.54 -0.38 7.15
HZ2 E9M A 13 10.43 -1.93 6.33
HH2 E9M A 13 8.85 -0.82 7.84
HN3 E9M A 13 6.60 -5.85 0.31
HN1 E9M A 13 8.14 -5.85 1.20
HN2 E9M A 13 7.61 -4.39 0.34
N ARG A 14 3.58 -4.23 0.78
CA ARG A 14 2.75 -4.36 -0.41
C ARG A 14 1.59 -3.37 -0.37
N CYS A 1 2.92 -3.23 -0.86
CA CYS A 1 2.18 -1.98 -0.99
C CYS A 1 1.26 -2.01 -2.21
N THR A 2 0.23 -1.17 -2.19
CA THR A 2 -0.72 -1.11 -3.29
C THR A 2 -0.56 0.19 -4.07
N ALA A 3 -1.53 0.48 -4.93
CA ALA A 3 -1.51 1.71 -5.74
C ALA A 3 -2.75 2.54 -5.50
N SER A 4 -2.87 3.12 -4.31
CA SER A 4 -4.01 3.94 -3.96
C SER A 4 -3.58 5.39 -3.71
N ILE A 5 -4.56 6.28 -3.65
CA ILE A 5 -4.29 7.70 -3.42
C ILE A 5 -5.12 8.24 -2.26
N PRO A 6 -4.48 8.43 -1.09
CA PRO A 6 -3.05 8.14 -0.94
C PRO A 6 -2.75 6.64 -0.97
N PRO A 7 -1.46 6.30 -1.05
CA PRO A 7 -1.01 4.90 -1.09
C PRO A 7 -1.22 4.18 0.24
N ILE A 8 -1.59 2.90 0.17
CA ILE A 8 -1.82 2.11 1.36
C ILE A 8 -1.14 0.75 1.26
N CYS A 9 -0.48 0.35 2.34
CA CYS A 9 0.22 -0.94 2.38
C CYS A 9 -0.50 -1.93 3.29
N HIS A 10 -0.35 -3.21 2.99
CA HIS A 10 -0.99 -4.25 3.79
C HIS A 10 0.03 -5.27 4.27
N DPN A 11 1.28 -4.83 4.41
CA DPN A 11 2.36 -5.71 4.86
C DPN A 11 3.67 -4.95 4.92
O DPN A 11 3.71 -3.73 5.06
CB DPN A 11 2.03 -6.29 6.23
CG DPN A 11 1.29 -5.34 7.13
CD1 DPN A 11 0.01 -5.63 7.57
CD2 DPN A 11 1.88 -4.16 7.54
CE1 DPN A 11 -0.68 -4.75 8.39
CE2 DPN A 11 1.21 -3.27 8.35
CZ DPN A 11 -0.07 -3.57 8.79
H DPN A 11 1.48 -3.89 4.20
HA DPN A 11 2.44 -6.52 4.14
HB2 DPN A 11 2.94 -6.57 6.73
HB3 DPN A 11 1.41 -7.17 6.10
HD1 DPN A 11 -0.46 -6.55 7.26
HD2 DPN A 11 2.88 -3.92 7.20
HE1 DPN A 11 -1.67 -4.99 8.72
HE2 DPN A 11 1.68 -2.35 8.67
HZ DPN A 11 -0.61 -2.88 9.43
N MMO A 12 4.78 -5.68 4.81
CA MMO A 12 6.11 -5.09 4.85
C MMO A 12 7.02 -5.69 3.79
O MMO A 12 7.85 -6.55 4.07
CB MMO A 12 6.74 -5.28 6.23
CG MMO A 12 6.57 -4.08 7.16
CD MMO A 12 7.22 -4.33 8.51
NE MMO A 12 8.67 -4.36 8.42
CZ MMO A 12 9.37 -5.47 8.23
NH2 MMO A 12 8.75 -6.64 8.09
NH1 MMO A 12 10.70 -5.42 8.16
CN MMO A 12 4.66 -7.14 4.64
HA MMO A 12 6.00 -4.03 4.66
HCB1 MMO A 12 6.27 -6.14 6.70
HCB2 MMO A 12 7.79 -5.47 6.12
HCG1 MMO A 12 7.04 -3.23 6.69
HCG2 MMO A 12 5.51 -3.90 7.30
HCD1 MMO A 12 6.92 -3.54 9.18
HCD2 MMO A 12 6.87 -5.28 8.90
HH21 MMO A 12 7.76 -6.68 8.14
HH22 MMO A 12 9.28 -7.48 7.94
HH11 MMO A 12 11.17 -4.54 8.26
HC1 MMO A 12 5.65 -7.59 4.63
HC2 MMO A 12 4.15 -7.36 3.70
HC3 MMO A 12 4.08 -7.56 5.46
HE MMO A 12 9.15 -3.51 8.52
HH12 MMO A 12 11.23 -6.25 8.00
N E9M A 13 6.84 -5.23 2.55
CA E9M A 13 5.86 -4.21 2.23
CG E9M A 13 7.59 -2.66 3.23
CD1 E9M A 13 8.86 -3.13 3.18
CD2 E9M A 13 7.47 -1.95 4.48
CE2 E9M A 13 8.72 -2.05 5.13
C E9M A 13 5.17 -4.49 0.91
O E9M A 13 5.65 -4.07 -0.14
CB E9M A 13 6.52 -2.83 2.20
CE3 E9M A 13 6.45 -1.25 5.11
NE1 E9M A 13 9.55 -2.78 4.32
CZ3 E9M A 13 6.68 -0.67 6.34
CZ2 E9M A 13 8.97 -1.46 6.37
CH2 E9M A 13 7.93 -0.79 6.96
CN2 E9M A 13 7.69 -5.77 1.47
HA E9M A 13 5.11 -4.22 3.03
HD1 E9M A 13 9.26 -3.72 2.36
HB3 E9M A 13 5.76 -2.07 2.38
HB2 E9M A 13 6.96 -2.67 1.24
HE3 E9M A 13 5.47 -1.15 4.64
HE1 E9M A 13 10.49 -3.00 4.51
HZ3 E9M A 13 5.90 -0.12 6.84
HZ2 E9M A 13 9.92 -1.55 6.86
HH2 E9M A 13 8.07 -0.32 7.93
HN3 E9M A 13 8.73 -5.77 1.78
HN1 E9M A 13 7.58 -5.15 0.58
HN2 E9M A 13 7.37 -6.79 1.23
N ARG A 14 4.06 -5.22 0.96
CA ARG A 14 3.32 -5.56 -0.24
C ARG A 14 2.37 -4.42 -0.64
N CYS A 1 1.67 -2.31 -0.99
CA CYS A 1 0.60 -1.39 -1.32
C CYS A 1 -0.27 -1.95 -2.45
N THR A 2 -1.55 -1.61 -2.43
CA THR A 2 -2.48 -2.08 -3.44
C THR A 2 -3.68 -1.15 -3.57
N ALA A 3 -3.45 0.13 -3.28
CA ALA A 3 -4.51 1.14 -3.36
C ALA A 3 -3.96 2.49 -3.81
N SER A 4 -4.70 3.17 -4.67
CA SER A 4 -4.28 4.47 -5.18
C SER A 4 -4.00 5.44 -4.03
N ILE A 5 -3.25 6.49 -4.33
CA ILE A 5 -2.90 7.49 -3.32
C ILE A 5 -4.15 7.98 -2.58
N PRO A 6 -4.08 7.96 -1.24
CA PRO A 6 -2.90 7.51 -0.51
C PRO A 6 -2.68 6.00 -0.63
N PRO A 7 -1.41 5.60 -0.76
CA PRO A 7 -1.04 4.19 -0.89
C PRO A 7 -1.26 3.42 0.40
N ILE A 8 -2.10 2.39 0.35
CA ILE A 8 -2.39 1.57 1.51
C ILE A 8 -1.61 0.26 1.47
N CYS A 9 -0.66 0.12 2.39
CA CYS A 9 0.17 -1.08 2.45
C CYS A 9 -0.34 -2.02 3.55
N HIS A 10 -0.52 -3.29 3.19
CA HIS A 10 -1.01 -4.29 4.14
C HIS A 10 0.12 -5.24 4.54
N DPN A 11 1.35 -4.74 4.52
CA DPN A 11 2.51 -5.54 4.88
C DPN A 11 3.79 -4.72 4.77
O DPN A 11 3.77 -3.50 4.86
CB DPN A 11 2.36 -6.07 6.31
CG DPN A 11 1.67 -5.12 7.23
CD1 DPN A 11 0.47 -5.46 7.83
CD2 DPN A 11 2.23 -3.89 7.52
CE1 DPN A 11 -0.17 -4.58 8.69
CE2 DPN A 11 1.60 -3.00 8.38
CZ DPN A 11 0.40 -3.35 8.97
H DPN A 11 1.48 -3.80 4.25
HA DPN A 11 2.57 -6.38 4.20
HB2 DPN A 11 3.34 -6.28 6.71
HB3 DPN A 11 1.78 -6.99 6.28
HD1 DPN A 11 0.02 -6.42 7.62
HD2 DPN A 11 3.18 -3.62 7.06
HE1 DPN A 11 -1.11 -4.85 9.14
HE2 DPN A 11 2.05 -2.04 8.58
HZ DPN A 11 -0.09 -2.66 9.63
N MMO A 12 4.91 -5.42 4.56
CA MMO A 12 6.20 -4.76 4.44
C MMO A 12 6.95 -5.26 3.20
O MMO A 12 7.81 -6.14 3.30
CB MMO A 12 7.05 -5.00 5.68
CG MMO A 12 6.55 -4.25 6.90
CD MMO A 12 7.33 -4.64 8.16
NE MMO A 12 7.04 -3.75 9.28
CZ MMO A 12 7.57 -3.90 10.48
NH2 MMO A 12 8.41 -4.89 10.73
NH1 MMO A 12 7.27 -3.04 11.46
CN MMO A 12 4.84 -6.88 4.47
HA MMO A 12 6.02 -3.70 4.32
HCB1 MMO A 12 7.05 -6.06 5.91
HCB2 MMO A 12 8.07 -4.69 5.48
HCG1 MMO A 12 6.68 -3.18 6.73
HCG2 MMO A 12 5.51 -4.47 7.05
HCD1 MMO A 12 7.04 -5.64 8.43
HCD2 MMO A 12 8.38 -4.60 7.93
HH21 MMO A 12 8.64 -5.54 10.00
HH22 MMO A 12 8.80 -5.01 11.64
HH11 MMO A 12 6.63 -2.29 11.28
HC1 MMO A 12 4.24 -7.16 3.60
HC2 MMO A 12 4.37 -7.29 5.37
HC3 MMO A 12 5.85 -7.29 4.36
HE MMO A 12 6.43 -3.00 9.12
HH12 MMO A 12 7.66 -3.15 12.37
N E9M A 13 6.61 -4.71 2.04
CA E9M A 13 5.59 -3.67 1.97
CG E9M A 13 7.48 -2.23 2.84
CD1 E9M A 13 8.71 -2.69 2.49
CD2 E9M A 13 7.60 -1.70 4.17
CE2 E9M A 13 8.94 -1.87 4.55
C E9M A 13 4.76 -3.82 0.69
O E9M A 13 5.24 -3.52 -0.40
CB E9M A 13 6.22 -2.28 2.01
CE3 E9M A 13 6.71 -1.09 5.06
NE1 E9M A 13 9.60 -2.47 3.52
CZ3 E9M A 13 7.18 -0.68 6.29
CZ2 E9M A 13 9.41 -1.45 5.80
CH2 E9M A 13 8.52 -0.86 6.65
CN2 E9M A 13 7.29 -5.14 0.81
HA E9M A 13 4.93 -3.78 2.82
HD1 E9M A 13 8.95 -3.16 1.55
HB3 E9M A 13 5.53 -1.58 2.42
HB2 E9M A 13 6.49 -1.98 1.01
HE3 E9M A 13 5.67 -0.94 4.79
HE1 E9M A 13 10.55 -2.72 3.51
HZ3 E9M A 13 6.50 -0.21 7.00
HZ2 E9M A 13 10.44 -1.58 6.09
HH2 E9M A 13 8.84 -0.52 7.62
HN3 E9M A 13 7.46 -4.28 0.17
HN1 E9M A 13 6.66 -5.87 0.29
HN2 E9M A 13 8.25 -5.59 1.07
N ARG A 14 3.53 -4.28 0.84
CA ARG A 14 2.64 -4.47 -0.30
C ARG A 14 1.51 -3.44 -0.28
N CYS A 1 1.84 -2.13 -0.90
CA CYS A 1 0.80 -1.18 -1.28
C CYS A 1 -0.01 -1.71 -2.45
N THR A 2 -1.31 -1.43 -2.45
CA THR A 2 -2.20 -1.87 -3.51
C THR A 2 -3.49 -1.07 -3.52
N ALA A 3 -3.42 0.17 -3.07
CA ALA A 3 -4.59 1.05 -3.03
C ALA A 3 -4.25 2.43 -3.59
N SER A 4 -5.19 3.00 -4.35
CA SER A 4 -4.99 4.31 -4.93
C SER A 4 -4.55 5.32 -3.89
N ILE A 5 -3.85 6.36 -4.33
CA ILE A 5 -3.36 7.40 -3.42
C ILE A 5 -4.48 7.89 -2.50
N PRO A 6 -4.17 7.96 -1.19
CA PRO A 6 -2.85 7.61 -0.67
C PRO A 6 -2.59 6.11 -0.74
N PRO A 7 -1.30 5.74 -0.80
CA PRO A 7 -0.89 4.33 -0.88
C PRO A 7 -1.13 3.59 0.43
N ILE A 8 -1.85 2.48 0.35
CA ILE A 8 -2.15 1.67 1.53
C ILE A 8 -1.42 0.34 1.49
N CYS A 9 -0.46 0.17 2.38
CA CYS A 9 0.31 -1.07 2.45
C CYS A 9 -0.25 -2.01 3.51
N HIS A 10 -0.50 -3.25 3.12
CA HIS A 10 -1.04 -4.25 4.03
C HIS A 10 0.04 -5.24 4.45
N DPN A 11 1.29 -4.78 4.46
CA DPN A 11 2.41 -5.64 4.85
C DPN A 11 3.71 -4.86 4.78
O DPN A 11 3.73 -3.64 4.90
CB DPN A 11 2.19 -6.20 6.26
CG DPN A 11 1.50 -5.23 7.18
CD1 DPN A 11 0.27 -5.55 7.73
CD2 DPN A 11 2.09 -4.02 7.50
CE1 DPN A 11 -0.37 -4.68 8.59
CE2 DPN A 11 1.45 -3.14 8.36
CZ DPN A 11 0.22 -3.46 8.90
H DPN A 11 1.45 -3.86 4.22
HA DPN A 11 2.45 -6.45 4.14
HB2 DPN A 11 3.15 -6.44 6.68
HB3 DPN A 11 1.59 -7.09 6.19
HD1 DPN A 11 -0.18 -6.50 7.50
HD2 DPN A 11 3.04 -3.76 7.07
HE1 DPN A 11 -1.32 -4.94 9.01
HE2 DPN A 11 1.91 -2.20 8.59
HZ DPN A 11 -0.28 -2.78 9.57
N MMO A 12 4.81 -5.59 4.60
CA MMO A 12 6.14 -4.97 4.52
C MMO A 12 6.89 -5.47 3.29
O MMO A 12 7.71 -6.38 3.37
CB MMO A 12 6.94 -5.29 5.79
CG MMO A 12 6.47 -4.52 7.01
CD MMO A 12 7.47 -4.63 8.15
NE MMO A 12 6.89 -4.18 9.42
CZ MMO A 12 6.09 -4.92 10.18
NH2 MMO A 12 5.77 -6.15 9.81
NH1 MMO A 12 5.63 -4.43 11.32
CN MMO A 12 4.70 -7.04 4.47
HA MMO A 12 6.00 -3.90 4.44
HCB1 MMO A 12 6.87 -6.33 5.99
HCB2 MMO A 12 7.98 -5.03 5.60
HCG1 MMO A 12 6.36 -3.47 6.75
HCG2 MMO A 12 5.52 -4.91 7.33
HCD1 MMO A 12 7.75 -5.68 8.26
HCD2 MMO A 12 8.33 -4.05 7.93
HH21 MMO A 12 6.14 -6.52 8.95
HH22 MMO A 12 5.17 -6.71 10.39
HH11 MMO A 12 5.87 -3.50 11.61
HC1 MMO A 12 5.69 -7.49 4.39
HC2 MMO A 12 4.12 -7.29 3.58
HC3 MMO A 12 4.20 -7.45 5.35
HE MMO A 12 7.12 -3.27 9.71
HH12 MMO A 12 5.02 -4.98 11.89
N E9M A 13 6.61 -4.84 2.15
CA E9M A 13 5.63 -3.76 2.08
CG E9M A 13 7.56 -2.45 3.07
CD1 E9M A 13 8.78 -2.96 2.74
CD2 E9M A 13 7.66 -1.97 4.42
CE2 E9M A 13 8.98 -2.22 4.83
C E9M A 13 4.84 -3.83 0.78
O E9M A 13 5.37 -3.51 -0.29
CB E9M A 13 6.33 -2.41 2.21
CE3 E9M A 13 6.78 -1.36 5.31
NE1 E9M A 13 9.64 -2.81 3.80
CZ3 E9M A 13 7.23 -1.02 6.57
CZ2 E9M A 13 9.44 -1.86 6.11
CH2 E9M A 13 8.55 -1.27 6.96
CN2 E9M A 13 7.30 -5.27 0.91
HA E9M A 13 4.95 -3.89 2.91
HD1 E9M A 13 9.01 -3.39 1.78
HB3 E9M A 13 5.64 -1.70 2.64
HB2 E9M A 13 6.63 -2.07 1.23
HE3 E9M A 13 5.75 -1.16 5.03
HE1 E9M A 13 10.58 -3.09 3.79
HZ3 E9M A 13 6.55 -0.55 7.27
HZ2 E9M A 13 10.46 -2.06 6.42
HH2 E9M A 13 8.85 -0.99 7.95
HN3 E9M A 13 7.59 -4.38 0.34
HN1 E9M A 13 6.63 -5.88 0.32
HN2 E9M A 13 8.19 -5.84 1.18
N ARG A 14 3.58 -4.24 0.88
CA ARG A 14 2.72 -4.34 -0.30
C ARG A 14 1.62 -3.28 -0.26
N CYS A 1 1.77 -3.18 -0.20
CA CYS A 1 1.00 -1.99 -0.56
C CYS A 1 0.27 -2.21 -1.89
N THR A 2 -0.59 -1.26 -2.24
CA THR A 2 -1.36 -1.34 -3.48
C THR A 2 -1.08 -0.14 -4.37
N ALA A 3 -0.09 0.67 -3.99
CA ALA A 3 0.28 1.84 -4.76
C ALA A 3 -0.95 2.66 -5.14
N SER A 4 -1.61 3.23 -4.13
CA SER A 4 -2.81 4.02 -4.37
C SER A 4 -2.58 5.47 -3.95
N ILE A 5 -3.63 6.28 -4.04
CA ILE A 5 -3.54 7.69 -3.67
C ILE A 5 -4.79 8.14 -2.91
N PRO A 6 -4.65 8.25 -1.57
CA PRO A 6 -3.40 7.97 -0.88
C PRO A 6 -3.05 6.49 -0.88
N PRO A 7 -1.74 6.17 -0.89
CA PRO A 7 -1.26 4.80 -0.89
C PRO A 7 -1.51 4.09 0.43
N ILE A 8 -1.64 2.77 0.37
CA ILE A 8 -1.89 1.97 1.57
C ILE A 8 -0.95 0.77 1.62
N CYS A 9 -0.61 0.36 2.85
CA CYS A 9 0.28 -0.79 3.05
C CYS A 9 -0.41 -1.87 3.88
N HIS A 10 -0.38 -3.10 3.38
CA HIS A 10 -1.00 -4.22 4.08
C HIS A 10 0.03 -5.32 4.38
N DPN A 11 1.28 -4.91 4.56
CA DPN A 11 2.36 -5.85 4.84
C DPN A 11 3.70 -5.14 4.89
O DPN A 11 3.79 -3.95 5.23
CB DPN A 11 2.10 -6.57 6.17
CG DPN A 11 2.54 -5.81 7.36
CD1 DPN A 11 2.14 -4.49 7.56
CD2 DPN A 11 3.37 -6.38 8.31
CE1 DPN A 11 2.55 -3.78 8.67
CE2 DPN A 11 3.78 -5.68 9.43
CZ DPN A 11 3.37 -4.38 9.60
H DPN A 11 1.49 -3.95 4.51
HA DPN A 11 2.38 -6.58 4.04
HB2 DPN A 11 2.63 -7.52 6.15
HB3 DPN A 11 1.04 -6.77 6.25
HD1 DPN A 11 1.49 -4.03 6.82
HD2 DPN A 11 3.70 -7.41 8.17
HE1 DPN A 11 2.22 -2.76 8.81
HE2 DPN A 11 4.43 -6.15 10.15
HZ DPN A 11 3.69 -3.82 10.47
N MMO A 12 4.77 -5.87 4.57
CA MMO A 12 6.12 -5.30 4.57
C MMO A 12 6.92 -5.79 3.38
O MMO A 12 7.73 -6.71 3.52
CB MMO A 12 6.83 -5.66 5.88
CG MMO A 12 6.42 -4.79 7.06
CD MMO A 12 7.57 -4.63 8.06
NE MMO A 12 7.73 -5.81 8.90
CZ MMO A 12 8.40 -5.81 10.04
NH2 MMO A 12 8.99 -4.69 10.47
NH1 MMO A 12 8.50 -6.92 10.77
CN MMO A 12 4.58 -7.27 4.18
HA MMO A 12 6.03 -4.22 4.52
HCB1 MMO A 12 6.61 -6.69 6.13
HCB2 MMO A 12 7.90 -5.56 5.73
HCG1 MMO A 12 6.14 -3.82 6.70
HCG2 MMO A 12 5.59 -5.25 7.56
HCD1 MMO A 12 8.49 -4.48 7.50
HCD2 MMO A 12 7.37 -3.78 8.68
HH21 MMO A 12 8.92 -3.85 9.93
HH22 MMO A 12 9.49 -4.70 11.33
HH11 MMO A 12 8.06 -7.76 10.45
HC1 MMO A 12 5.56 -7.73 4.02
HC2 MMO A 12 4.00 -7.32 3.26
HC3 MMO A 12 4.06 -7.80 4.96
HE MMO A 12 7.30 -6.65 8.61
HH12 MMO A 12 9.01 -6.92 11.62
N E9M A 13 6.70 -5.17 2.23
CA E9M A 13 5.74 -4.09 2.11
CG E9M A 13 7.63 -2.79 3.18
CD1 E9M A 13 8.86 -3.30 2.89
CD2 E9M A 13 7.70 -2.31 4.53
CE2 E9M A 13 9.00 -2.56 4.99
C E9M A 13 5.01 -4.15 0.78
O E9M A 13 5.35 -3.43 -0.17
CB E9M A 13 6.44 -2.74 2.27
CE3 E9M A 13 6.79 -1.68 5.38
NE1 E9M A 13 9.69 -3.17 3.97
CZ3 E9M A 13 7.21 -1.34 6.66
CZ2 E9M A 13 9.41 -2.22 6.27
CH2 E9M A 13 8.50 -1.61 7.09
CN2 E9M A 13 7.44 -5.60 1.03
HA E9M A 13 5.01 -4.20 2.91
HD1 E9M A 13 9.13 -3.75 1.94
HB3 E9M A 13 5.74 -2.02 2.68
HB2 E9M A 13 6.77 -2.40 1.30
HE3 E9M A 13 5.78 -1.47 5.07
HE1 E9M A 13 10.63 -3.47 4.01
HZ3 E9M A 13 6.51 -0.86 7.33
HZ2 E9M A 13 10.41 -2.41 6.62
HH2 E9M A 13 8.78 -1.32 8.09
HN3 E9M A 13 6.89 -6.40 0.53
HN1 E9M A 13 8.43 -5.98 1.33
HN2 E9M A 13 7.56 -4.75 0.36
N ARG A 14 3.99 -5.00 0.70
CA ARG A 14 3.21 -5.15 -0.52
C ARG A 14 2.65 -3.81 -0.98
N CYS A 1 1.84 -2.14 -0.77
CA CYS A 1 0.86 -1.17 -1.23
C CYS A 1 0.11 -1.70 -2.46
N THR A 2 -1.22 -1.55 -2.45
CA THR A 2 -2.05 -2.02 -3.55
C THR A 2 -3.33 -1.20 -3.65
N ALA A 3 -3.25 0.06 -3.26
CA ALA A 3 -4.41 0.96 -3.32
C ALA A 3 -4.02 2.33 -3.86
N SER A 4 -5.01 3.07 -4.34
CA SER A 4 -4.76 4.40 -4.89
C SER A 4 -4.07 5.29 -3.87
N ILE A 5 -3.82 6.54 -4.25
CA ILE A 5 -3.16 7.49 -3.38
C ILE A 5 -4.16 8.20 -2.47
N PRO A 6 -3.85 8.23 -1.15
CA PRO A 6 -2.62 7.64 -0.62
C PRO A 6 -2.64 6.12 -0.66
N PRO A 7 -1.49 5.53 -1.05
CA PRO A 7 -1.35 4.08 -1.14
C PRO A 7 -1.36 3.40 0.24
N ILE A 8 -2.13 2.33 0.35
CA ILE A 8 -2.23 1.59 1.60
C ILE A 8 -1.47 0.27 1.53
N CYS A 9 -0.51 0.11 2.43
CA CYS A 9 0.30 -1.11 2.47
C CYS A 9 -0.26 -2.09 3.49
N HIS A 10 -0.44 -3.35 3.07
CA HIS A 10 -0.96 -4.38 3.95
C HIS A 10 0.14 -5.35 4.36
N DPN A 11 1.35 -4.84 4.51
CA DPN A 11 2.49 -5.66 4.89
C DPN A 11 3.79 -4.85 4.86
O DPN A 11 3.78 -3.65 5.10
CB DPN A 11 2.28 -6.24 6.29
CG DPN A 11 2.51 -5.25 7.39
CD1 DPN A 11 1.75 -4.09 7.47
CD2 DPN A 11 3.48 -5.47 8.35
CE1 DPN A 11 1.95 -3.17 8.48
CE2 DPN A 11 3.69 -4.56 9.37
CZ DPN A 11 2.93 -3.41 9.44
H DPN A 11 1.49 -3.87 4.34
HA DPN A 11 2.57 -6.47 4.19
HB2 DPN A 11 2.96 -7.07 6.44
HB3 DPN A 11 1.27 -6.61 6.37
HD1 DPN A 11 0.99 -3.91 6.72
HD2 DPN A 11 4.08 -6.37 8.31
HE1 DPN A 11 1.36 -2.28 8.53
HE2 DPN A 11 4.44 -4.75 10.11
HZ DPN A 11 3.09 -2.70 10.23
N MMO A 12 4.90 -5.52 4.56
CA MMO A 12 6.19 -4.86 4.50
C MMO A 12 6.96 -5.29 3.26
O MMO A 12 7.83 -6.16 3.30
CB MMO A 12 7.02 -5.20 5.75
CG MMO A 12 6.67 -4.33 6.96
CD MMO A 12 7.70 -4.50 8.07
NE MMO A 12 9.05 -4.22 7.61
CZ MMO A 12 10.12 -4.30 8.38
NH2 MMO A 12 10.00 -4.68 9.65
NH1 MMO A 12 11.33 -4.03 7.89
CN MMO A 12 4.81 -6.97 4.30
HA MMO A 12 6.02 -3.80 4.46
HCB1 MMO A 12 6.85 -6.22 6.01
HCB2 MMO A 12 8.06 -5.05 5.53
HCG1 MMO A 12 6.65 -3.30 6.64
HCG2 MMO A 12 5.70 -4.63 7.33
HCD1 MMO A 12 7.45 -3.81 8.86
HCD2 MMO A 12 7.66 -5.51 8.43
HH21 MMO A 12 9.10 -4.88 10.03
HH22 MMO A 12 10.81 -4.74 10.23
HH11 MMO A 12 11.42 -3.75 6.93
HC1 MMO A 12 5.80 -7.38 4.17
HC2 MMO A 12 4.23 -7.13 3.40
HC3 MMO A 12 4.31 -7.46 5.14
HE MMO A 12 9.17 -3.94 6.67
HH12 MMO A 12 12.14 -4.10 8.47
N E9M A 13 6.62 -4.67 2.13
CA E9M A 13 5.58 -3.65 2.09
CG E9M A 13 7.41 -2.21 3.08
CD1 E9M A 13 8.67 -2.63 2.78
CD2 E9M A 13 7.47 -1.69 4.41
CE2 E9M A 13 8.79 -1.85 4.86
C E9M A 13 4.75 -3.76 0.83
O E9M A 13 5.21 -3.42 -0.27
CB E9M A 13 6.21 -2.26 2.18
CE3 E9M A 13 6.53 -1.11 5.27
NE1 E9M A 13 9.51 -2.43 3.85
CZ3 E9M A 13 6.94 -0.71 6.52
CZ2 E9M A 13 9.20 -1.44 6.13
CH2 E9M A 13 8.26 -0.88 6.95
CN2 E9M A 13 7.31 -5.03 0.87
HA E9M A 13 4.94 -3.81 2.95
HD1 E9M A 13 8.95 -3.09 1.83
HB3 E9M A 13 5.48 -1.57 2.58
HB2 E9M A 13 6.51 -1.94 1.20
HE3 E9M A 13 5.51 -0.97 4.96
HE1 E9M A 13 10.46 -2.65 3.88
HZ3 E9M A 13 6.22 -0.26 7.21
HZ2 E9M A 13 10.22 -1.56 6.47
HH2 E9M A 13 8.53 -0.54 7.94
HN3 E9M A 13 8.32 -5.38 1.11
HN1 E9M A 13 7.37 -4.16 0.22
HN2 E9M A 13 6.76 -5.83 0.37
N ARG A 14 3.51 -4.23 0.97
CA ARG A 14 2.61 -4.38 -0.16
C ARG A 14 1.54 -3.30 -0.16
N CYS A 1 1.91 -3.11 -1.23
CA CYS A 1 1.28 -1.80 -1.14
C CYS A 1 0.47 -1.50 -2.39
N THR A 2 -0.40 -0.50 -2.31
CA THR A 2 -1.24 -0.11 -3.44
C THR A 2 -0.43 0.66 -4.47
N ALA A 3 -1.12 1.21 -5.47
CA ALA A 3 -0.45 1.98 -6.52
C ALA A 3 -1.13 3.33 -6.71
N SER A 4 -2.24 3.55 -5.99
CA SER A 4 -2.97 4.81 -6.09
C SER A 4 -2.95 5.54 -4.75
N ILE A 5 -3.37 6.81 -4.77
CA ILE A 5 -3.40 7.63 -3.57
C ILE A 5 -4.79 7.66 -2.96
N PRO A 6 -4.86 7.70 -1.62
CA PRO A 6 -3.66 7.71 -0.77
C PRO A 6 -2.91 6.38 -0.79
N PRO A 7 -1.70 6.37 -0.23
CA PRO A 7 -0.86 5.17 -0.17
C PRO A 7 -1.41 4.12 0.78
N ILE A 8 -1.26 2.85 0.41
CA ILE A 8 -1.75 1.75 1.24
C ILE A 8 -0.73 0.64 1.32
N CYS A 9 -0.54 0.09 2.52
CA CYS A 9 0.40 -0.99 2.74
C CYS A 9 -0.15 -2.02 3.72
N HIS A 10 -0.49 -3.20 3.21
CA HIS A 10 -1.03 -4.26 4.05
C HIS A 10 0.05 -5.28 4.41
N DPN A 11 1.30 -4.81 4.47
CA DPN A 11 2.43 -5.67 4.80
C DPN A 11 3.74 -4.88 4.80
O DPN A 11 3.74 -3.67 4.99
CB DPN A 11 2.21 -6.31 6.17
CG DPN A 11 1.61 -5.37 7.19
CD1 DPN A 11 0.34 -5.61 7.71
CD2 DPN A 11 2.32 -4.26 7.62
CE1 DPN A 11 -0.20 -4.75 8.64
CE2 DPN A 11 1.77 -3.41 8.55
CZ DPN A 11 0.51 -3.64 9.06
H DPN A 11 1.46 -3.86 4.28
HA DPN A 11 2.47 -6.45 4.06
HB2 DPN A 11 3.16 -6.65 6.55
HB3 DPN A 11 1.54 -7.15 6.07
HD1 DPN A 11 -0.21 -6.47 7.37
HD2 DPN A 11 3.30 -4.07 7.22
HE1 DPN A 11 -1.18 -4.94 9.03
HE2 DPN A 11 2.33 -2.54 8.88
HZ DPN A 11 0.08 -2.97 9.79
N MMO A 12 4.83 -5.59 4.55
CA MMO A 12 6.14 -4.96 4.52
C MMO A 12 6.98 -5.50 3.37
O MMO A 12 7.85 -6.34 3.56
CB MMO A 12 6.88 -5.18 5.84
CG MMO A 12 6.76 -4.02 6.82
CD MMO A 12 7.07 -4.45 8.24
NE MMO A 12 8.25 -5.31 8.30
CZ MMO A 12 8.53 -6.11 9.32
NH2 MMO A 12 7.71 -6.17 10.36
NH1 MMO A 12 9.63 -6.86 9.30
CN MMO A 12 4.73 -7.03 4.33
HA MMO A 12 6.00 -3.89 4.38
HCB1 MMO A 12 6.49 -6.07 6.32
HCB2 MMO A 12 7.93 -5.34 5.64
HCG1 MMO A 12 7.43 -3.24 6.52
HCG2 MMO A 12 5.74 -3.65 6.79
HCD1 MMO A 12 7.25 -3.56 8.84
HCD2 MMO A 12 6.23 -5.00 8.64
HH21 MMO A 12 6.88 -5.62 10.38
HH22 MMO A 12 7.92 -6.78 11.12
HH11 MMO A 12 10.25 -6.82 8.52
HC1 MMO A 12 4.15 -7.21 3.41
HC2 MMO A 12 4.22 -7.50 5.17
HC3 MMO A 12 5.73 -7.46 4.22
HE MMO A 12 8.87 -5.28 7.54
HH12 MMO A 12 9.83 -7.47 10.07
N E9M A 13 6.70 -5.02 2.16
CA E9M A 13 5.66 -4.02 1.97
CG E9M A 13 7.35 -2.39 2.89
CD1 E9M A 13 8.64 -2.83 2.82
CD2 E9M A 13 7.24 -1.65 4.12
CE2 E9M A 13 8.49 -1.69 4.74
C E9M A 13 4.85 -4.31 0.70
O E9M A 13 5.31 -4.05 -0.41
CB E9M A 13 6.27 -2.62 1.88
CE3 E9M A 13 6.19 -0.97 4.74
NE1 E9M A 13 9.33 -2.40 3.94
CZ3 E9M A 13 6.43 -0.36 5.96
CZ2 E9M A 13 8.74 -1.06 5.96
CH2 E9M A 13 7.70 -0.41 6.55
CN2 E9M A 13 7.46 -5.49 1.00
HA E9M A 13 4.99 -4.06 2.81
HD1 E9M A 13 9.05 -3.41 2.01
HB3 E9M A 13 5.49 -1.89 2.04
HB2 E9M A 13 6.69 -2.47 0.89
HE3 E9M A 13 5.21 -0.92 4.29
HE1 E9M A 13 10.27 -2.60 4.12
HZ3 E9M A 13 5.63 0.18 6.46
HZ2 E9M A 13 9.71 -1.11 6.45
HH2 E9M A 13 7.84 0.08 7.51
HN3 E9M A 13 8.10 -6.33 1.30
HN1 E9M A 13 8.08 -4.68 0.61
HN2 E9M A 13 6.78 -5.83 0.23
N ARG A 14 3.65 -4.86 0.88
CA ARG A 14 2.79 -5.18 -0.25
C ARG A 14 1.69 -4.14 -0.41
N CYS A 1 1.62 -2.40 -1.08
CA CYS A 1 0.46 -1.55 -1.29
C CYS A 1 -0.44 -2.12 -2.38
N THR A 2 -1.71 -1.73 -2.35
CA THR A 2 -2.68 -2.21 -3.33
C THR A 2 -3.82 -1.22 -3.51
N ALA A 3 -3.53 0.06 -3.27
CA ALA A 3 -4.54 1.10 -3.40
C ALA A 3 -3.91 2.43 -3.84
N SER A 4 -4.60 3.14 -4.71
CA SER A 4 -4.11 4.42 -5.21
C SER A 4 -3.88 5.40 -4.06
N ILE A 5 -3.12 6.45 -4.35
CA ILE A 5 -2.82 7.47 -3.34
C ILE A 5 -4.09 7.96 -2.65
N PRO A 6 -4.08 7.94 -1.31
CA PRO A 6 -2.93 7.48 -0.54
C PRO A 6 -2.70 5.99 -0.64
N PRO A 7 -1.43 5.58 -0.77
CA PRO A 7 -1.06 4.16 -0.89
C PRO A 7 -1.27 3.40 0.41
N ILE A 8 -2.14 2.39 0.36
CA ILE A 8 -2.44 1.58 1.53
C ILE A 8 -1.63 0.28 1.51
N CYS A 9 -0.69 0.17 2.45
CA CYS A 9 0.15 -1.02 2.55
C CYS A 9 -0.37 -1.96 3.63
N HIS A 10 -0.47 -3.25 3.28
CA HIS A 10 -0.95 -4.26 4.22
C HIS A 10 0.15 -5.26 4.55
N DPN A 11 1.38 -4.77 4.62
CA DPN A 11 2.52 -5.64 4.93
C DPN A 11 3.83 -4.86 4.82
O DPN A 11 3.87 -3.65 5.06
CB DPN A 11 2.38 -6.22 6.34
CG DPN A 11 2.72 -5.25 7.43
CD1 DPN A 11 2.05 -4.04 7.55
CD2 DPN A 11 3.73 -5.54 8.34
CE1 DPN A 11 2.38 -3.15 8.55
CE2 DPN A 11 4.05 -4.65 9.34
CZ DPN A 11 3.38 -3.45 9.44
H DPN A 11 1.53 -3.82 4.46
HA DPN A 11 2.54 -6.44 4.21
HB2 DPN A 11 3.03 -7.08 6.43
HB3 DPN A 11 1.35 -6.53 6.48
HD1 DPN A 11 1.27 -3.80 6.85
HD2 DPN A 11 4.26 -6.48 8.26
HE1 DPN A 11 1.85 -2.20 8.62
HE2 DPN A 11 4.84 -4.89 10.04
HZ DPN A 11 3.63 -2.76 10.23
N MMO A 12 4.90 -5.56 4.46
CA MMO A 12 6.21 -4.94 4.31
C MMO A 12 6.84 -5.30 2.97
O MMO A 12 7.65 -6.21 2.88
CB MMO A 12 7.13 -5.37 5.45
CG MMO A 12 6.84 -4.66 6.77
CD MMO A 12 8.09 -4.54 7.62
NE MMO A 12 8.47 -5.82 8.23
CZ MMO A 12 9.43 -5.95 9.14
NH2 MMO A 12 10.11 -4.89 9.55
NH1 MMO A 12 9.70 -7.14 9.65
CN MMO A 12 4.75 -7.00 4.19
HA MMO A 12 6.07 -3.86 4.35
HCB1 MMO A 12 7.01 -6.43 5.61
HCB2 MMO A 12 8.15 -5.16 5.17
HCG1 MMO A 12 6.48 -3.67 6.56
HCG2 MMO A 12 6.10 -5.22 7.31
HCD1 MMO A 12 8.92 -4.21 6.99
HCD2 MMO A 12 7.92 -3.82 8.40
HH21 MMO A 12 9.90 -3.99 9.17
HH22 MMO A 12 10.83 -4.99 10.24
HH11 MMO A 12 9.19 -7.95 9.34
HC1 MMO A 12 4.30 -7.49 5.06
HC2 MMO A 12 5.74 -7.43 3.99
HC3 MMO A 12 4.11 -7.14 3.32
HE MMO A 12 7.98 -6.62 7.94
HH12 MMO A 12 10.42 -7.24 10.34
N E9M A 13 6.45 -4.57 1.93
CA E9M A 13 5.48 -3.49 2.07
CG E9M A 13 7.49 -2.27 2.99
CD1 E9M A 13 8.68 -2.73 2.51
CD2 E9M A 13 7.72 -1.92 4.36
CE2 E9M A 13 9.08 -2.20 4.63
C E9M A 13 4.57 -3.43 0.85
O E9M A 13 4.65 -2.50 0.05
CB E9M A 13 6.19 -2.15 2.25
CE3 E9M A 13 6.93 -1.41 5.38
NE1 E9M A 13 9.64 -2.69 3.49
CZ3 E9M A 13 7.48 -1.18 6.63
CZ2 E9M A 13 9.64 -1.97 5.89
CH2 E9M A 13 8.84 -1.47 6.87
CN2 E9M A 13 7.02 -4.87 0.60
HA E9M A 13 4.88 -3.70 2.94
HD1 E9M A 13 8.83 -3.07 1.50
HB3 E9M A 13 5.55 -1.49 2.81
HB2 E9M A 13 6.41 -1.73 1.28
HE3 E9M A 13 5.88 -1.18 5.21
HE1 E9M A 13 10.57 -2.97 3.38
HZ3 E9M A 13 6.88 -0.78 7.43
HZ2 E9M A 13 10.68 -2.18 6.09
HH2 E9M A 13 9.24 -1.27 7.85
HN3 E9M A 13 7.92 -5.46 0.71
HN1 E9M A 13 7.26 -3.93 0.09
HN2 E9M A 13 6.29 -5.43 0.01
N ARG A 14 3.69 -4.42 0.72
CA ARG A 14 2.76 -4.48 -0.40
C ARG A 14 1.64 -3.44 -0.23
N CYS A 1 1.99 -3.19 -1.22
CA CYS A 1 1.11 -2.03 -1.24
C CYS A 1 -0.03 -2.23 -2.25
N THR A 2 -1.06 -1.39 -2.14
CA THR A 2 -2.21 -1.48 -3.03
C THR A 2 -3.04 -0.21 -2.98
N ALA A 3 -4.07 -0.14 -3.81
CA ALA A 3 -4.95 1.02 -3.86
C ALA A 3 -4.19 2.27 -4.30
N SER A 4 -4.92 3.26 -4.82
CA SER A 4 -4.32 4.49 -5.29
C SER A 4 -4.17 5.49 -4.13
N ILE A 5 -3.58 6.63 -4.44
CA ILE A 5 -3.38 7.68 -3.43
C ILE A 5 -4.67 7.97 -2.68
N PRO A 6 -4.58 8.01 -1.34
CA PRO A 6 -3.33 7.77 -0.62
C PRO A 6 -2.88 6.31 -0.72
N PRO A 7 -1.55 6.11 -0.79
CA PRO A 7 -0.96 4.77 -0.87
C PRO A 7 -1.12 3.98 0.42
N ILE A 8 -1.80 2.85 0.33
CA ILE A 8 -2.02 1.99 1.50
C ILE A 8 -1.22 0.70 1.39
N CYS A 9 -0.70 0.25 2.53
CA CYS A 9 0.08 -0.98 2.57
C CYS A 9 -0.52 -1.99 3.53
N HIS A 10 -0.41 -3.27 3.20
CA HIS A 10 -0.94 -4.33 4.04
C HIS A 10 0.14 -5.35 4.41
N DPN A 11 1.36 -4.86 4.56
CA DPN A 11 2.49 -5.73 4.90
C DPN A 11 3.80 -4.94 4.90
O DPN A 11 3.82 -3.73 5.16
CB DPN A 11 2.27 -6.36 6.28
CG DPN A 11 2.62 -5.45 7.42
CD1 DPN A 11 2.01 -4.21 7.55
CD2 DPN A 11 3.54 -5.83 8.37
CE1 DPN A 11 2.33 -3.37 8.59
CE2 DPN A 11 3.86 -5.00 9.43
CZ DPN A 11 3.25 -3.76 9.54
H DPN A 11 1.52 -3.90 4.45
HA DPN A 11 2.55 -6.50 4.16
HB2 DPN A 11 2.89 -7.24 6.36
HB3 DPN A 11 1.23 -6.64 6.38
HD1 DPN A 11 1.28 -3.89 6.80
HD2 DPN A 11 4.02 -6.80 8.30
HE1 DPN A 11 1.85 -2.40 8.68
HE2 DPN A 11 4.59 -5.31 10.17
HZ DPN A 11 3.51 -3.10 10.36
N MMO A 12 4.90 -5.63 4.60
CA MMO A 12 6.21 -4.99 4.55
C MMO A 12 7.01 -5.48 3.34
O MMO A 12 7.88 -6.34 3.47
CB MMO A 12 6.98 -5.30 5.84
CG MMO A 12 6.61 -4.38 7.00
CD MMO A 12 7.78 -4.19 7.95
NE MMO A 12 8.23 -5.47 8.52
CZ MMO A 12 9.25 -5.57 9.36
NH2 MMO A 12 9.93 -4.50 9.73
NH1 MMO A 12 9.60 -6.76 9.83
CN MMO A 12 4.77 -7.06 4.30
HA MMO A 12 6.06 -3.93 4.47
HCB1 MMO A 12 6.79 -6.31 6.13
HCB2 MMO A 12 8.04 -5.17 5.64
HCG1 MMO A 12 6.32 -3.42 6.61
HCG2 MMO A 12 5.77 -4.82 7.53
HCD1 MMO A 12 8.59 -3.74 7.43
HCD2 MMO A 12 7.45 -3.54 8.77
HH21 MMO A 12 9.66 -3.59 9.39
HH22 MMO A 12 10.69 -4.58 10.37
HH11 MMO A 12 9.09 -7.58 9.56
HC1 MMO A 12 5.77 -7.49 4.15
HC2 MMO A 12 4.19 -7.20 3.39
HC3 MMO A 12 4.29 -7.56 5.13
HE MMO A 12 7.75 -6.28 8.26
HH12 MMO A 12 10.38 -6.85 10.46
N E9M A 13 6.70 -4.92 2.18
CA E9M A 13 5.66 -3.91 2.07
CG E9M A 13 7.48 -2.41 2.99
CD1 E9M A 13 8.75 -2.84 2.70
CD2 E9M A 13 7.55 -1.87 4.31
CE2 E9M A 13 8.88 -1.98 4.76
C E9M A 13 4.86 -4.07 0.79
O E9M A 13 5.14 -3.43 -0.22
CB E9M A 13 6.28 -2.50 2.11
CE3 E9M A 13 6.61 -1.27 5.16
NE1 E9M A 13 9.59 -2.59 3.76
CZ3 E9M A 13 7.01 -0.84 6.41
CZ2 E9M A 13 9.28 -1.55 6.02
CH2 E9M A 13 8.34 -0.98 6.83
CN2 E9M A 13 7.43 -5.33 0.97
HA E9M A 13 4.99 -4.02 2.92
HD1 E9M A 13 9.04 -3.31 1.77
HB3 E9M A 13 5.55 -1.80 2.48
HB2 E9M A 13 6.57 -2.22 1.11
HE3 E9M A 13 5.57 -1.16 4.86
HE1 E9M A 13 10.55 -2.80 3.79
HZ3 E9M A 13 6.29 -0.38 7.08
HZ2 E9M A 13 10.31 -1.65 6.36
HH2 E9M A 13 8.61 -0.63 7.81
HN3 E9M A 13 7.30 -4.58 0.20
HN1 E9M A 13 7.02 -6.29 0.62
HN2 E9M A 13 8.48 -5.46 1.21
N ARG A 14 3.86 -4.96 0.83
CA ARG A 14 3.02 -5.22 -0.32
C ARG A 14 1.87 -4.22 -0.39
N CYS A 1 1.75 -2.32 -0.73
CA CYS A 1 0.76 -1.38 -1.24
C CYS A 1 -0.04 -2.00 -2.38
N THR A 2 -1.36 -1.81 -2.35
CA THR A 2 -2.24 -2.35 -3.39
C THR A 2 -3.39 -1.40 -3.67
N ALA A 3 -3.14 -0.11 -3.50
CA ALA A 3 -4.17 0.90 -3.75
C ALA A 3 -3.54 2.24 -4.12
N SER A 4 -4.29 3.04 -4.88
CA SER A 4 -3.80 4.35 -5.31
C SER A 4 -3.60 5.27 -4.12
N ILE A 5 -3.17 6.49 -4.39
CA ILE A 5 -2.94 7.48 -3.34
C ILE A 5 -4.25 7.92 -2.70
N PRO A 6 -4.27 7.94 -1.36
CA PRO A 6 -3.11 7.55 -0.55
C PRO A 6 -2.81 6.07 -0.62
N PRO A 7 -1.52 5.72 -0.72
CA PRO A 7 -1.07 4.32 -0.80
C PRO A 7 -1.27 3.58 0.51
N ILE A 8 -1.92 2.42 0.43
CA ILE A 8 -2.17 1.61 1.62
C ILE A 8 -1.42 0.28 1.54
N CYS A 9 -0.43 0.11 2.41
CA CYS A 9 0.36 -1.12 2.43
C CYS A 9 -0.15 -2.07 3.51
N HIS A 10 -0.51 -3.28 3.09
CA HIS A 10 -1.02 -4.28 4.01
C HIS A 10 0.09 -5.23 4.45
N DPN A 11 1.32 -4.74 4.44
CA DPN A 11 2.47 -5.55 4.84
C DPN A 11 3.75 -4.74 4.74
O DPN A 11 3.74 -3.51 4.84
CB DPN A 11 2.29 -6.07 6.27
CG DPN A 11 1.63 -5.08 7.19
CD1 DPN A 11 0.39 -5.35 7.74
CD2 DPN A 11 2.25 -3.88 7.49
CE1 DPN A 11 -0.21 -4.44 8.59
CE2 DPN A 11 1.65 -2.97 8.34
CZ DPN A 11 0.42 -3.25 8.89
H DPN A 11 1.46 -3.81 4.17
HA DPN A 11 2.53 -6.39 4.16
HB2 DPN A 11 3.25 -6.32 6.68
HB3 DPN A 11 1.67 -6.96 6.24
HD1 DPN A 11 -0.10 -6.29 7.52
HD2 DPN A 11 3.22 -3.66 7.06
HE1 DPN A 11 -1.17 -4.67 9.02
HE2 DPN A 11 2.14 -2.04 8.56
HZ DPN A 11 -0.05 -2.54 9.56
N MMO A 12 4.87 -5.44 4.56
CA MMO A 12 6.18 -4.78 4.45
C MMO A 12 6.94 -5.28 3.22
O MMO A 12 7.80 -6.15 3.34
CB MMO A 12 7.00 -5.02 5.71
CG MMO A 12 6.82 -3.94 6.77
CD MMO A 12 7.31 -4.42 8.13
NE MMO A 12 8.58 -5.14 8.04
CZ MMO A 12 9.76 -4.53 7.98
NH2 MMO A 12 9.84 -3.21 8.00
NH1 MMO A 12 10.87 -5.25 7.90
CN MMO A 12 4.80 -6.90 4.45
HA MMO A 12 6.00 -3.72 4.33
HCB1 MMO A 12 6.71 -5.97 6.13
HCB2 MMO A 12 8.04 -5.07 5.44
HCG1 MMO A 12 7.39 -3.07 6.48
HCG2 MMO A 12 5.78 -3.68 6.84
HCD1 MMO A 12 7.44 -3.55 8.77
HCD2 MMO A 12 6.56 -5.08 8.55
HH21 MMO A 12 9.00 -2.66 8.06
HH22 MMO A 12 10.72 -2.75 7.95
HH11 MMO A 12 10.83 -6.25 7.89
HC1 MMO A 12 4.22 -7.17 3.57
HC2 MMO A 12 4.32 -7.30 5.34
HC3 MMO A 12 5.80 -7.31 4.37
HE MMO A 12 8.56 -6.12 8.02
HH12 MMO A 12 11.76 -4.79 7.85
N E9M A 13 6.61 -4.73 2.06
CA E9M A 13 5.57 -3.71 1.96
CG E9M A 13 7.34 -2.16 2.89
CD1 E9M A 13 8.62 -2.64 2.74
CD2 E9M A 13 7.33 -1.50 4.16
CE2 E9M A 13 8.61 -1.60 4.71
C E9M A 13 4.72 -3.92 0.72
O E9M A 13 5.17 -3.68 -0.40
CB E9M A 13 6.21 -2.32 1.94
CE3 E9M A 13 6.33 -0.83 4.89
NE1 E9M A 13 9.39 -2.30 3.83
CZ3 E9M A 13 6.65 -0.29 6.12
CZ2 E9M A 13 8.93 -1.06 5.96
CH2 E9M A 13 7.95 -0.41 6.65
CN2 E9M A 13 7.30 -5.17 0.84
HA E9M A 13 4.94 -3.78 2.84
HD1 E9M A 13 8.96 -3.18 1.87
HB3 E9M A 13 5.46 -1.58 2.19
HB2 E9M A 13 6.57 -2.12 0.95
HE3 E9M A 13 5.33 -0.72 4.49
HE1 E9M A 13 10.33 -2.53 3.95
HZ3 E9M A 13 5.90 0.23 6.69
HZ2 E9M A 13 9.92 -1.15 6.38
HH2 E9M A 13 8.15 0.02 7.61
HN3 E9M A 13 7.90 -4.35 0.45
HN1 E9M A 13 6.57 -5.46 0.09
HN2 E9M A 13 7.94 -6.02 1.06
N ARG A 14 3.48 -4.34 0.93
CA ARG A 14 2.56 -4.58 -0.19
C ARG A 14 1.45 -3.52 -0.21
N CYS A 1 2.19 -3.00 -1.23
CA CYS A 1 1.60 -1.68 -1.12
C CYS A 1 0.99 -1.25 -2.45
N THR A 2 0.09 -0.28 -2.40
CA THR A 2 -0.57 0.22 -3.60
C THR A 2 0.30 1.23 -4.33
N ALA A 3 -0.25 1.83 -5.37
CA ALA A 3 0.49 2.83 -6.15
C ALA A 3 -0.34 4.10 -6.32
N SER A 4 -1.58 4.07 -5.86
CA SER A 4 -2.46 5.22 -5.96
C SER A 4 -2.44 6.04 -4.68
N ILE A 5 -3.21 7.13 -4.66
CA ILE A 5 -3.29 8.00 -3.50
C ILE A 5 -4.71 8.09 -2.97
N PRO A 6 -4.85 7.97 -1.64
CA PRO A 6 -3.71 7.77 -0.74
C PRO A 6 -3.09 6.39 -0.89
N PRO A 7 -1.84 6.24 -0.42
CA PRO A 7 -1.12 4.97 -0.49
C PRO A 7 -1.70 3.91 0.44
N ILE A 8 -1.30 2.66 0.22
CA ILE A 8 -1.78 1.55 1.05
C ILE A 8 -0.67 0.56 1.34
N CYS A 9 -0.65 0.03 2.55
CA CYS A 9 0.36 -0.94 2.96
C CYS A 9 -0.23 -1.98 3.90
N HIS A 10 -0.38 -3.21 3.41
CA HIS A 10 -0.94 -4.29 4.20
C HIS A 10 0.14 -5.34 4.52
N DPN A 11 1.38 -4.89 4.65
CA DPN A 11 2.49 -5.78 4.95
C DPN A 11 3.82 -5.03 4.91
O DPN A 11 3.87 -3.83 5.21
CB DPN A 11 2.30 -6.44 6.31
CG DPN A 11 2.60 -5.52 7.46
CD1 DPN A 11 1.87 -4.35 7.64
CD2 DPN A 11 3.61 -5.83 8.37
CE1 DPN A 11 2.16 -3.50 8.70
CE2 DPN A 11 3.88 -4.99 9.42
CZ DPN A 11 3.15 -3.83 9.60
H DPN A 11 1.55 -3.92 4.55
HA DPN A 11 2.51 -6.56 4.19
HB2 DPN A 11 2.95 -7.30 6.39
HB3 DPN A 11 1.27 -6.76 6.41
HD1 DPN A 11 1.09 -4.10 6.94
HD2 DPN A 11 4.17 -6.74 8.23
HE1 DPN A 11 1.59 -2.60 8.83
HE2 DPN A 11 4.66 -5.24 10.12
HZ DPN A 11 3.37 -3.17 10.42
N MMO A 12 4.88 -5.73 4.55
CA MMO A 12 6.21 -5.13 4.48
C MMO A 12 6.95 -5.59 3.21
O MMO A 12 7.80 -6.48 3.27
CB MMO A 12 7.02 -5.50 5.72
CG MMO A 12 6.73 -4.63 6.92
CD MMO A 12 7.95 -4.49 7.83
NE MMO A 12 8.12 -5.65 8.69
CZ MMO A 12 9.13 -5.81 9.52
NH2 MMO A 12 10.08 -4.88 9.60
NH1 MMO A 12 9.22 -6.90 10.28
CN MMO A 12 4.72 -7.16 4.21
HA MMO A 12 6.09 -4.06 4.43
HCB1 MMO A 12 6.81 -6.53 5.99
HCB2 MMO A 12 8.08 -5.41 5.48
HCG1 MMO A 12 6.44 -3.64 6.57
HCG2 MMO A 12 5.92 -5.06 7.48
HCD1 MMO A 12 8.82 -4.39 7.21
HCD2 MMO A 12 7.83 -3.61 8.44
HH21 MMO A 12 10.01 -4.06 9.03
HH22 MMO A 12 10.85 -5.00 10.23
HH11 MMO A 12 8.51 -7.60 10.22
HC1 MMO A 12 5.70 -7.60 4.02
HC2 MMO A 12 4.10 -7.25 3.32
HC3 MMO A 12 4.24 -7.68 5.04
HE MMO A 12 7.43 -6.35 8.65
HH12 MMO A 12 9.99 -7.01 10.90
N E9M A 13 6.62 -4.98 2.09
CA E9M A 13 5.60 -3.93 2.06
CG E9M A 13 7.49 -2.53 2.98
CD1 E9M A 13 8.73 -2.97 2.63
CD2 E9M A 13 7.61 -2.03 4.31
CE2 E9M A 13 8.94 -2.20 4.72
C E9M A 13 4.74 -4.04 0.80
O E9M A 13 4.93 -3.29 -0.15
CB E9M A 13 6.26 -2.55 2.12
CE3 E9M A 13 6.70 -1.45 5.21
NE1 E9M A 13 9.61 -2.78 3.67
CZ3 E9M A 13 7.15 -1.06 6.46
CZ2 E9M A 13 9.39 -1.82 5.98
CH2 E9M A 13 8.48 -1.25 6.84
CN2 E9M A 13 7.28 -5.36 0.83
HA E9M A 13 4.97 -4.06 2.93
HD1 E9M A 13 8.98 -3.41 1.69
HB3 E9M A 13 5.55 -1.84 2.53
HB2 E9M A 13 6.54 -2.24 1.13
HE3 E9M A 13 5.66 -1.28 4.94
HE1 E9M A 13 10.55 -3.02 3.68
HZ3 E9M A 13 6.47 -0.61 7.16
HZ2 E9M A 13 10.42 -1.96 6.28
HH2 E9M A 13 8.79 -0.94 7.82
HN3 E9M A 13 6.53 -5.64 0.10
HN1 E9M A 13 7.94 -6.21 1.02
HN2 E9M A 13 7.86 -4.52 0.46
N ARG A 14 3.79 -4.97 0.82
CA ARG A 14 2.91 -5.17 -0.32
C ARG A 14 1.90 -4.03 -0.44
N CYS A 1 1.62 -2.29 -0.38
CA CYS A 1 0.85 -1.24 -1.05
C CYS A 1 0.05 -1.82 -2.22
N THR A 2 -1.23 -1.47 -2.27
CA THR A 2 -2.11 -1.96 -3.33
C THR A 2 -3.40 -1.15 -3.38
N ALA A 3 -3.31 0.12 -3.00
CA ALA A 3 -4.47 1.00 -3.00
C ALA A 3 -4.12 2.38 -3.54
N SER A 4 -5.02 2.94 -4.34
CA SER A 4 -4.80 4.26 -4.93
C SER A 4 -4.40 5.27 -3.86
N ILE A 5 -3.69 6.32 -4.28
CA ILE A 5 -3.25 7.36 -3.35
C ILE A 5 -4.40 7.85 -2.49
N PRO A 6 -4.16 7.91 -1.17
CA PRO A 6 -2.89 7.52 -0.57
C PRO A 6 -2.65 6.01 -0.65
N PRO A 7 -1.38 5.62 -0.83
CA PRO A 7 -0.99 4.20 -0.92
C PRO A 7 -1.15 3.48 0.41
N ILE A 8 -1.95 2.43 0.42
CA ILE A 8 -2.19 1.64 1.63
C ILE A 8 -1.40 0.34 1.59
N CYS A 9 -0.40 0.23 2.46
CA CYS A 9 0.42 -0.97 2.52
C CYS A 9 -0.10 -1.94 3.59
N HIS A 10 -0.58 -3.09 3.15
CA HIS A 10 -1.11 -4.10 4.07
C HIS A 10 -0.04 -5.13 4.41
N DPN A 11 1.20 -4.67 4.54
CA DPN A 11 2.31 -5.55 4.87
C DPN A 11 3.64 -4.78 4.85
O DPN A 11 3.68 -3.58 5.09
CB DPN A 11 2.10 -6.17 6.26
CG DPN A 11 2.54 -5.30 7.39
CD1 DPN A 11 2.11 -3.99 7.47
CD2 DPN A 11 3.38 -5.79 8.37
CE1 DPN A 11 2.51 -3.17 8.52
CE2 DPN A 11 3.80 -4.99 9.42
CZ DPN A 11 3.35 -3.67 9.49
H DPN A 11 1.37 -3.71 4.42
HA DPN A 11 2.35 -6.32 4.14
HB2 DPN A 11 2.66 -7.10 6.31
HB3 DPN A 11 1.05 -6.39 6.39
HD1 DPN A 11 1.45 -3.60 6.72
HD2 DPN A 11 3.73 -6.81 8.31
HE1 DPN A 11 2.17 -2.15 8.58
HE2 DPN A 11 4.45 -5.38 10.18
HZ DPN A 11 3.68 -3.05 10.31
N MMO A 12 4.72 -5.50 4.57
CA MMO A 12 6.04 -4.89 4.51
C MMO A 12 6.83 -5.41 3.31
O MMO A 12 7.66 -6.31 3.44
CB MMO A 12 6.81 -5.18 5.80
CG MMO A 12 6.39 -4.30 6.97
CD MMO A 12 7.35 -4.44 8.14
NE MMO A 12 8.73 -4.24 7.74
CZ MMO A 12 9.77 -4.44 8.55
NH2 MMO A 12 9.57 -4.86 9.80
NH1 MMO A 12 11.01 -4.24 8.11
CN MMO A 12 4.58 -6.94 4.30
HA MMO A 12 5.92 -3.83 4.41
HCB1 MMO A 12 6.65 -6.21 6.08
HCB2 MMO A 12 7.87 -5.03 5.62
HCG1 MMO A 12 6.39 -3.27 6.64
HCG2 MMO A 12 5.40 -4.59 7.28
HCD1 MMO A 12 7.08 -3.70 8.89
HCD2 MMO A 12 7.25 -5.43 8.56
HH21 MMO A 12 8.64 -5.02 10.12
HH22 MMO A 12 10.36 -5.02 10.40
HH11 MMO A 12 11.16 -3.93 7.18
HC1 MMO A 12 4.09 -7.42 5.14
HC2 MMO A 12 5.56 -7.38 4.14
HC3 MMO A 12 3.98 -7.08 3.40
HE MMO A 12 8.91 -3.93 6.83
HH12 MMO A 12 11.78 -4.40 8.73
N E9M A 13 6.56 -4.85 2.14
CA E9M A 13 5.56 -3.79 2.02
CG E9M A 13 7.40 -2.37 3.02
CD1 E9M A 13 8.65 -2.87 2.82
CD2 E9M A 13 7.42 -1.77 4.33
CE2 E9M A 13 8.71 -1.96 4.86
C E9M A 13 4.78 -3.93 0.72
O E9M A 13 5.29 -3.66 -0.37
CB E9M A 13 6.25 -2.42 2.06
CE3 E9M A 13 6.46 -1.10 5.10
NE1 E9M A 13 9.45 -2.63 3.92
CZ3 E9M A 13 6.81 -0.64 6.34
CZ2 E9M A 13 9.06 -1.49 6.12
CH2 E9M A 13 8.10 -0.84 6.85
CN2 E9M A 13 7.28 -5.31 0.94
HA E9M A 13 4.89 -3.87 2.85
HD1 E9M A 13 8.97 -3.38 1.93
HB3 E9M A 13 5.52 -1.69 2.38
HB2 E9M A 13 6.61 -2.17 1.09
HE3 E9M A 13 5.45 -0.94 4.72
HE1 E9M A 13 10.38 -2.90 4.02
HZ3 E9M A 13 6.08 -0.12 6.95
HZ2 E9M A 13 10.05 -1.63 6.52
HH2 E9M A 13 8.34 -0.46 7.83
HN3 E9M A 13 8.17 -5.87 1.24
HN1 E9M A 13 7.58 -4.44 0.35
HN2 E9M A 13 6.63 -5.94 0.34
N ARG A 14 3.52 -4.36 0.84
CA ARG A 14 2.67 -4.54 -0.33
C ARG A 14 2.38 -3.20 -1.00
N CYS A 1 2.07 -3.13 -1.32
CA CYS A 1 1.44 -1.82 -1.29
C CYS A 1 1.03 -1.38 -2.70
N THR A 2 -0.16 -0.79 -2.80
CA THR A 2 -0.68 -0.34 -4.08
C THR A 2 0.02 0.95 -4.53
N ALA A 3 -0.58 1.63 -5.49
CA ALA A 3 -0.02 2.88 -6.01
C ALA A 3 -0.98 4.05 -5.79
N SER A 4 -2.27 3.75 -5.79
CA SER A 4 -3.30 4.77 -5.60
C SER A 4 -2.99 5.61 -4.36
N ILE A 5 -3.53 6.83 -4.33
CA ILE A 5 -3.31 7.73 -3.21
C ILE A 5 -4.59 7.87 -2.37
N PRO A 6 -4.43 7.76 -1.04
CA PRO A 6 -3.12 7.51 -0.41
C PRO A 6 -2.59 6.11 -0.70
N PRO A 7 -1.28 5.91 -0.50
CA PRO A 7 -0.63 4.62 -0.73
C PRO A 7 -1.03 3.58 0.31
N ILE A 8 -1.78 2.58 -0.14
CA ILE A 8 -2.24 1.52 0.74
C ILE A 8 -1.13 0.51 1.03
N CYS A 9 -1.04 0.07 2.27
CA CYS A 9 -0.02 -0.90 2.67
C CYS A 9 -0.58 -1.91 3.66
N HIS A 10 -0.49 -3.19 3.30
CA HIS A 10 -0.99 -4.26 4.16
C HIS A 10 0.13 -5.23 4.52
N DPN A 11 1.35 -4.71 4.63
CA DPN A 11 2.50 -5.53 4.98
C DPN A 11 3.80 -4.72 4.91
O DPN A 11 3.79 -3.50 5.13
CB DPN A 11 2.34 -6.12 6.38
CG DPN A 11 2.62 -5.14 7.48
CD1 DPN A 11 1.89 -3.96 7.58
CD2 DPN A 11 3.61 -5.40 8.41
CE1 DPN A 11 2.15 -3.06 8.59
CE2 DPN A 11 3.88 -4.49 9.43
CZ DPN A 11 3.14 -3.32 9.52
H DPN A 11 1.48 -3.75 4.48
HA DPN A 11 2.56 -6.34 4.27
HB2 DPN A 11 3.02 -6.95 6.50
HB3 DPN A 11 1.32 -6.47 6.50
HD1 DPN A 11 1.12 -3.75 6.86
HD2 DPN A 11 4.19 -6.30 8.34
HE1 DPN A 11 1.58 -2.15 8.66
HE2 DPN A 11 4.65 -4.69 10.15
HZ DPN A 11 3.35 -2.62 10.31
N MMO A 12 4.90 -5.38 4.59
CA MMO A 12 6.19 -4.73 4.49
C MMO A 12 6.96 -5.23 3.27
O MMO A 12 7.86 -6.06 3.40
CB MMO A 12 7.01 -4.96 5.76
CG MMO A 12 6.66 -4.02 6.90
CD MMO A 12 7.79 -3.92 7.91
NE MMO A 12 7.68 -4.94 8.96
CZ MMO A 12 8.60 -5.13 9.90
NH2 MMO A 12 9.68 -4.37 9.93
NH1 MMO A 12 8.42 -6.07 10.81
CN MMO A 12 4.80 -6.83 4.35
HA MMO A 12 6.02 -3.66 4.38
HCB1 MMO A 12 6.84 -5.97 6.10
HCB2 MMO A 12 8.06 -4.84 5.53
HCG1 MMO A 12 6.47 -3.03 6.48
HCG2 MMO A 12 5.77 -4.38 7.39
HCD1 MMO A 12 8.73 -4.05 7.39
HCD2 MMO A 12 7.76 -2.94 8.37
HH21 MMO A 12 9.82 -3.65 9.25
HH22 MMO A 12 10.37 -4.51 10.64
HH11 MMO A 12 7.61 -6.65 10.78
HC1 MMO A 12 4.19 -7.01 3.46
HC2 MMO A 12 4.35 -7.32 5.20
HC3 MMO A 12 5.80 -7.24 4.19
HE MMO A 12 6.88 -5.51 8.94
HH12 MMO A 12 9.12 -6.21 11.52
N E9M A 13 6.60 -4.71 2.11
CA E9M A 13 5.54 -3.73 2.00
CG E9M A 13 7.35 -2.16 2.81
CD1 E9M A 13 8.62 -2.57 2.51
CD2 E9M A 13 7.42 -1.55 4.10
CE2 E9M A 13 8.77 -1.63 4.53
C E9M A 13 4.70 -3.97 0.74
O E9M A 13 4.92 -3.34 -0.30
CB E9M A 13 6.12 -2.31 1.97
CE3 E9M A 13 6.49 -0.95 4.95
NE1 E9M A 13 9.47 -2.25 3.53
CZ3 E9M A 13 6.91 -0.45 6.17
CZ2 E9M A 13 9.19 -1.13 5.75
CH2 E9M A 13 8.25 -0.54 6.56
CN2 E9M A 13 7.30 -5.14 0.88
HA E9M A 13 4.90 -3.82 2.86
HD1 E9M A 13 8.89 -3.07 1.59
HB3 E9M A 13 5.38 -1.62 2.32
HB2 E9M A 13 6.39 -2.06 0.94
HE3 E9M A 13 5.45 -0.86 4.66
HE1 E9M A 13 10.43 -2.45 3.55
HZ3 E9M A 13 6.19 0.02 6.83
HZ2 E9M A 13 10.22 -1.19 6.07
HH2 E9M A 13 8.54 -0.13 7.52
HN3 E9M A 13 7.31 -4.33 0.16
HN1 E9M A 13 6.79 -6.00 0.45
HN2 E9M A 13 8.33 -5.42 1.13
N ARG A 14 3.74 -4.87 0.85
CA ARG A 14 2.86 -5.20 -0.28
C ARG A 14 1.81 -4.12 -0.47
N CYS A 1 1.48 -2.46 -1.08
CA CYS A 1 0.35 -1.58 -1.42
C CYS A 1 -0.52 -2.22 -2.50
N THR A 2 -1.77 -1.76 -2.59
CA THR A 2 -2.70 -2.28 -3.57
C THR A 2 -3.76 -1.25 -3.93
N ALA A 3 -3.41 0.03 -3.77
CA ALA A 3 -4.33 1.13 -4.07
C ALA A 3 -3.58 2.42 -4.31
N SER A 4 -4.16 3.30 -5.14
CA SER A 4 -3.54 4.57 -5.46
C SER A 4 -3.49 5.47 -4.23
N ILE A 5 -2.81 6.61 -4.36
CA ILE A 5 -2.69 7.56 -3.26
C ILE A 5 -4.06 7.91 -2.69
N PRO A 6 -4.17 7.85 -1.35
CA PRO A 6 -3.06 7.45 -0.49
C PRO A 6 -2.70 5.98 -0.62
N PRO A 7 -1.40 5.68 -0.58
CA PRO A 7 -0.89 4.31 -0.71
C PRO A 7 -1.23 3.46 0.51
N ILE A 8 -2.10 2.47 0.32
CA ILE A 8 -2.50 1.58 1.40
C ILE A 8 -1.76 0.25 1.34
N CYS A 9 -0.87 0.02 2.29
CA CYS A 9 -0.10 -1.21 2.35
C CYS A 9 -0.57 -2.11 3.48
N HIS A 10 -0.49 -3.41 3.28
CA HIS A 10 -0.91 -4.38 4.29
C HIS A 10 0.24 -5.29 4.68
N DPN A 11 1.45 -4.74 4.67
CA DPN A 11 2.64 -5.50 5.03
C DPN A 11 3.90 -4.67 4.84
O DPN A 11 3.87 -3.44 4.96
CB DPN A 11 2.55 -5.98 6.48
CG DPN A 11 2.95 -4.94 7.49
CD1 DPN A 11 2.40 -3.66 7.44
CD2 DPN A 11 3.87 -5.22 8.48
CE1 DPN A 11 2.76 -2.70 8.36
CE2 DPN A 11 4.24 -4.27 9.40
CZ DPN A 11 3.69 -3.00 9.34
H DPN A 11 1.54 -3.80 4.42
HA DPN A 11 2.69 -6.36 4.38
HB2 DPN A 11 3.20 -6.83 6.62
HB3 DPN A 11 1.53 -6.28 6.70
HD1 DPN A 11 1.67 -3.43 6.67
HD2 DPN A 11 4.31 -6.21 8.52
HE1 DPN A 11 2.33 -1.72 8.31
HE2 DPN A 11 4.97 -4.50 10.16
HZ DPN A 11 3.97 -2.25 10.07
N MMO A 12 5.01 -5.34 4.54
CA MMO A 12 6.29 -4.65 4.33
C MMO A 12 6.98 -5.18 3.07
O MMO A 12 7.86 -6.02 3.15
CB MMO A 12 7.19 -4.84 5.55
CG MMO A 12 6.74 -4.07 6.77
CD MMO A 12 7.52 -4.48 8.01
NE MMO A 12 7.21 -3.63 9.16
CZ MMO A 12 7.50 -3.96 10.41
NH2 MMO A 12 8.09 -5.12 10.68
NH1 MMO A 12 7.19 -3.13 11.41
CN MMO A 12 4.95 -6.80 4.41
HA MMO A 12 6.07 -3.60 4.21
HCB1 MMO A 12 7.22 -5.89 5.80
HCB2 MMO A 12 8.19 -4.51 5.29
HCG1 MMO A 12 6.89 -3.01 6.60
HCG2 MMO A 12 5.69 -4.26 6.94
HCD1 MMO A 12 7.27 -5.50 8.26
HCD2 MMO A 12 8.58 -4.40 7.79
HH21 MMO A 12 8.32 -5.73 9.94
HH22 MMO A 12 8.30 -5.36 11.63
HH11 MMO A 12 6.73 -2.26 11.21
HC1 MMO A 12 5.95 -7.19 4.25
HC2 MMO A 12 4.31 -7.07 3.57
HC3 MMO A 12 4.55 -7.23 5.32
HE MMO A 12 6.77 -2.77 8.98
HH12 MMO A 12 7.40 -3.38 12.35
N E9M A 13 6.57 -4.65 1.92
CA E9M A 13 5.53 -3.64 1.86
CG E9M A 13 7.43 -2.17 2.63
CD1 E9M A 13 8.65 -2.63 2.22
CD2 E9M A 13 7.65 -1.60 3.93
CE2 E9M A 13 9.01 -1.76 4.24
C E9M A 13 4.66 -3.81 0.63
O E9M A 13 5.10 -3.50 -0.49
CB E9M A 13 6.14 -2.23 1.89
CE3 E9M A 13 6.82 -0.97 4.86
NE1 E9M A 13 9.60 -2.38 3.18
CZ3 E9M A 13 7.35 -0.53 6.06
CZ2 E9M A 13 9.56 -1.31 5.44
CH2 E9M A 13 8.72 -0.70 6.33
CN2 E9M A 13 7.20 -5.10 0.67
HA E9M A 13 4.90 -3.76 2.74
HD1 E9M A 13 8.83 -3.11 1.27
HB3 E9M A 13 5.45 -1.56 2.35
HB2 E9M A 13 6.33 -1.92 0.87
HE3 E9M A 13 5.76 -0.84 4.67
HE1 E9M A 13 10.55 -2.62 3.11
HZ3 E9M A 13 6.73 -0.04 6.79
HZ2 E9M A 13 10.60 -1.42 5.67
HH2 E9M A 13 9.10 -0.34 7.28
HN3 E9M A 13 6.55 -5.83 0.18
HN1 E9M A 13 8.15 -5.57 0.89
HN2 E9M A 13 7.36 -4.25 0.02
N ARG A 14 3.45 -4.31 0.82
CA ARG A 14 2.53 -4.53 -0.29
C ARG A 14 1.39 -3.51 -0.25
N CYS A 1 1.99 -3.36 -0.40
CA CYS A 1 1.80 -1.95 -0.67
C CYS A 1 1.07 -1.74 -1.99
N THR A 2 -0.09 -1.09 -1.93
CA THR A 2 -0.89 -0.83 -3.11
C THR A 2 -0.27 0.28 -3.96
N ALA A 3 -1.01 0.74 -4.95
CA ALA A 3 -0.53 1.80 -5.84
C ALA A 3 -1.61 2.86 -6.07
N SER A 4 -2.36 3.16 -5.01
CA SER A 4 -3.43 4.15 -5.10
C SER A 4 -3.12 5.35 -4.20
N ILE A 5 -3.91 6.41 -4.36
CA ILE A 5 -3.73 7.62 -3.57
C ILE A 5 -4.95 7.88 -2.68
N PRO A 6 -4.70 8.02 -1.36
CA PRO A 6 -3.36 7.91 -0.79
C PRO A 6 -2.80 6.49 -0.85
N PRO A 7 -1.50 6.34 -0.56
CA PRO A 7 -0.83 5.04 -0.57
C PRO A 7 -1.29 4.14 0.58
N ILE A 8 -1.55 2.88 0.25
CA ILE A 8 -2.00 1.92 1.26
C ILE A 8 -1.01 0.76 1.38
N CYS A 9 -0.77 0.32 2.62
CA CYS A 9 0.15 -0.78 2.87
C CYS A 9 -0.50 -1.83 3.75
N HIS A 10 -0.44 -3.08 3.31
CA HIS A 10 -1.03 -4.19 4.04
C HIS A 10 0.03 -5.23 4.40
N DPN A 11 1.27 -4.78 4.52
CA DPN A 11 2.38 -5.67 4.86
C DPN A 11 3.71 -4.92 4.84
O DPN A 11 3.74 -3.70 5.00
CB DPN A 11 2.15 -6.31 6.23
CG DPN A 11 1.37 -5.44 7.16
CD1 DPN A 11 0.20 -5.90 7.75
CD2 DPN A 11 1.80 -4.16 7.48
CE1 DPN A 11 -0.53 -5.10 8.61
CE2 DPN A 11 1.08 -3.36 8.35
CZ DPN A 11 -0.08 -3.83 8.92
H DPN A 11 1.45 -3.82 4.39
HA DPN A 11 2.41 -6.45 4.11
HB2 DPN A 11 3.11 -6.52 6.69
HB3 DPN A 11 1.61 -7.24 6.11
HD1 DPN A 11 -0.16 -6.90 7.52
HD2 DPN A 11 2.71 -3.79 7.03
HE1 DPN A 11 -1.43 -5.47 9.06
HE2 DPN A 11 1.44 -2.36 8.58
HZ DPN A 11 -0.64 -3.20 9.59
N MMO A 12 4.80 -5.66 4.65
CA MMO A 12 6.13 -5.07 4.62
C MMO A 12 6.96 -5.67 3.49
O MMO A 12 7.79 -6.54 3.72
CB MMO A 12 6.83 -5.27 5.96
CG MMO A 12 6.45 -4.25 7.02
CD MMO A 12 7.38 -4.30 8.22
NE MMO A 12 8.79 -4.14 7.82
CZ MMO A 12 9.80 -4.19 8.67
NH2 MMO A 12 9.57 -4.41 9.96
NH1 MMO A 12 11.04 -4.03 8.23
CN MMO A 12 4.66 -7.11 4.48
HA MMO A 12 6.01 -4.01 4.45
HCB1 MMO A 12 6.59 -6.25 6.33
HCB2 MMO A 12 7.90 -5.20 5.80
HCG1 MMO A 12 6.48 -3.26 6.59
HCG2 MMO A 12 5.44 -4.46 7.36
HCD1 MMO A 12 7.12 -3.52 8.90
HCD2 MMO A 12 7.27 -5.26 8.70
HH21 MMO A 12 8.64 -4.53 10.29
HH22 MMO A 12 10.35 -4.45 10.59
HH11 MMO A 12 11.21 -3.86 7.27
HC1 MMO A 12 4.07 -7.32 3.58
HC2 MMO A 12 4.15 -7.53 5.35
HC3 MMO A 12 5.64 -7.56 4.37
HE MMO A 12 8.97 -3.96 6.87
HH12 MMO A 12 11.81 -4.07 8.87
N E9M A 13 6.72 -5.18 2.28
CA E9M A 13 5.73 -4.14 2.04
CG E9M A 13 7.55 -2.65 2.98
CD1 E9M A 13 8.80 -3.16 2.82
CD2 E9M A 13 7.54 -1.97 4.24
CE2 E9M A 13 8.83 -2.11 4.80
C E9M A 13 5.00 -4.38 0.73
O E9M A 13 5.37 -3.84 -0.31
CB E9M A 13 6.40 -2.77 2.02
CE3 E9M A 13 6.57 -1.26 4.95
NE1 E9M A 13 9.58 -2.85 3.91
CZ3 E9M A 13 6.92 -0.72 6.18
CZ2 E9M A 13 9.16 -1.57 6.04
CH2 E9M A 13 8.20 -0.88 6.71
CN2 E9M A 13 7.49 -5.71 1.14
HA E9M A 13 5.02 -4.18 2.85
HD1 E9M A 13 9.12 -3.72 1.97
HB3 E9M A 13 5.67 -2.01 2.29
HB2 E9M A 13 6.77 -2.57 1.03
HE3 E9M A 13 5.57 -1.12 4.56
HE1 E9M A 13 10.51 -3.10 4.04
HZ3 E9M A 13 6.18 -0.17 6.75
HZ2 E9M A 13 10.15 -1.69 6.46
HH2 E9M A 13 8.42 -0.44 7.67
HN3 E9M A 13 6.98 -6.58 0.73
HN1 E9M A 13 8.49 -6.00 1.48
HN2 E9M A 13 7.59 -4.95 0.37
N ARG A 14 3.95 -5.20 0.78
CA ARG A 14 3.17 -5.52 -0.41
C ARG A 14 2.72 -4.24 -1.11
N CYS A 1 1.67 -2.58 -1.15
CA CYS A 1 0.49 -1.74 -1.36
C CYS A 1 -0.43 -2.36 -2.40
N THR A 2 -1.66 -1.86 -2.46
CA THR A 2 -2.65 -2.35 -3.41
C THR A 2 -3.75 -1.33 -3.66
N ALA A 3 -3.39 -0.06 -3.56
CA ALA A 3 -4.34 1.03 -3.79
C ALA A 3 -3.63 2.32 -4.17
N SER A 4 -4.33 3.18 -4.90
CA SER A 4 -3.77 4.45 -5.34
C SER A 4 -3.70 5.45 -4.18
N ILE A 5 -3.01 6.57 -4.41
CA ILE A 5 -2.87 7.60 -3.39
C ILE A 5 -4.24 7.99 -2.81
N PRO A 6 -4.34 7.99 -1.47
CA PRO A 6 -3.21 7.63 -0.60
C PRO A 6 -2.87 6.15 -0.68
N PRO A 7 -1.56 5.85 -0.77
CA PRO A 7 -1.07 4.48 -0.86
C PRO A 7 -1.25 3.72 0.46
N ILE A 8 -1.90 2.55 0.39
CA ILE A 8 -2.12 1.73 1.57
C ILE A 8 -1.44 0.38 1.44
N CYS A 9 -0.66 0.03 2.46
CA CYS A 9 0.05 -1.25 2.47
C CYS A 9 -0.44 -2.14 3.60
N HIS A 10 -0.48 -3.45 3.34
CA HIS A 10 -0.93 -4.40 4.33
C HIS A 10 0.19 -5.37 4.71
N DPN A 11 1.42 -4.86 4.71
CA DPN A 11 2.58 -5.68 5.05
C DPN A 11 3.87 -4.89 4.87
O DPN A 11 3.89 -3.67 5.03
CB DPN A 11 2.47 -6.18 6.49
CG DPN A 11 2.92 -5.18 7.51
CD1 DPN A 11 2.40 -3.89 7.50
CD2 DPN A 11 3.85 -5.51 8.48
CE1 DPN A 11 2.81 -2.96 8.45
CE2 DPN A 11 4.26 -4.59 9.42
CZ DPN A 11 3.73 -3.31 9.40
H DPN A 11 1.55 -3.92 4.48
HA DPN A 11 2.60 -6.53 4.38
HB2 DPN A 11 3.09 -7.06 6.61
HB3 DPN A 11 1.45 -6.44 6.69
HD1 DPN A 11 1.67 -3.62 6.75
HD2 DPN A 11 4.27 -6.52 8.49
HE1 DPN A 11 2.39 -1.97 8.43
HE2 DPN A 11 4.99 -4.87 10.16
HZ DPN A 11 4.06 -2.59 10.14
N MMO A 12 4.94 -5.59 4.53
CA MMO A 12 6.24 -4.96 4.32
C MMO A 12 6.83 -5.34 2.97
O MMO A 12 7.65 -6.26 2.88
CB MMO A 12 7.21 -5.35 5.44
CG MMO A 12 6.92 -4.66 6.77
CD MMO A 12 8.15 -4.62 7.66
NE MMO A 12 7.85 -4.05 8.97
CZ MMO A 12 8.78 -3.72 9.85
NH2 MMO A 12 10.07 -3.90 9.56
NH1 MMO A 12 8.44 -3.20 11.03
CN MMO A 12 4.83 -7.05 4.35
HA MMO A 12 6.10 -3.89 4.34
HCB1 MMO A 12 7.16 -6.42 5.59
HCB2 MMO A 12 8.22 -5.09 5.14
HCG1 MMO A 12 6.60 -3.64 6.58
HCG2 MMO A 12 6.13 -5.20 7.27
HCD1 MMO A 12 8.51 -5.64 7.78
HCD2 MMO A 12 8.90 -4.03 7.18
HH21 MMO A 12 10.34 -4.29 8.68
HH22 MMO A 12 10.77 -3.64 10.23
HH11 MMO A 12 7.47 -3.07 11.24
HC1 MMO A 12 4.18 -7.26 3.50
HC2 MMO A 12 4.40 -7.48 5.25
HC3 MMO A 12 5.82 -7.48 4.16
HE MMO A 12 6.91 -3.91 9.21
HH12 MMO A 12 9.15 -2.96 11.69
N E9M A 13 6.41 -4.64 1.93
CA E9M A 13 5.45 -3.55 2.07
CG E9M A 13 7.49 -2.33 2.92
CD1 E9M A 13 8.66 -2.81 2.41
CD2 E9M A 13 7.77 -1.96 4.29
CE2 E9M A 13 9.12 -2.24 4.53
C E9M A 13 4.51 -3.50 0.87
O E9M A 13 4.48 -2.52 0.13
CB E9M A 13 6.17 -2.22 2.22
CE3 E9M A 13 7.00 -1.41 5.32
NE1 E9M A 13 9.65 -2.76 3.37
CZ3 E9M A 13 7.61 -1.17 6.54
CZ2 E9M A 13 9.74 -2.01 5.75
CH2 E9M A 13 8.96 -1.47 6.75
CN2 E9M A 13 6.94 -4.96 0.59
HA E9M A 13 4.87 -3.75 2.96
HD1 E9M A 13 8.77 -3.18 1.40
HB3 E9M A 13 5.55 -1.54 2.79
HB2 E9M A 13 6.36 -1.80 1.25
HE3 E9M A 13 5.95 -1.19 5.18
HE1 E9M A 13 10.58 -3.05 3.24
HZ3 E9M A 13 7.03 -0.76 7.35
HZ2 E9M A 13 10.78 -2.22 5.93
HH2 E9M A 13 9.39 -1.27 7.72
HN3 E9M A 13 7.20 -4.03 0.07
HN1 E9M A 13 6.18 -5.50 0.02
HN2 E9M A 13 7.84 -5.57 0.68
N ARG A 14 3.74 -4.57 0.68
CA ARG A 14 2.80 -4.65 -0.43
C ARG A 14 1.69 -3.60 -0.28
N CYS A 1 2.43 -3.24 -1.35
CA CYS A 1 1.86 -1.91 -1.16
C CYS A 1 0.93 -1.56 -2.31
N THR A 2 0.22 -0.43 -2.17
CA THR A 2 -0.70 0.02 -3.21
C THR A 2 -0.19 1.28 -3.88
N ALA A 3 -0.59 1.47 -5.15
CA ALA A 3 -0.17 2.64 -5.91
C ALA A 3 -1.13 3.80 -5.70
N SER A 4 -2.41 3.50 -5.60
CA SER A 4 -3.43 4.52 -5.41
C SER A 4 -3.04 5.48 -4.29
N ILE A 5 -3.66 6.65 -4.27
CA ILE A 5 -3.37 7.65 -3.26
C ILE A 5 -4.58 7.87 -2.35
N PRO A 6 -4.34 7.83 -1.02
CA PRO A 6 -3.00 7.59 -0.48
C PRO A 6 -2.52 6.17 -0.70
N PRO A 7 -1.24 5.91 -0.41
CA PRO A 7 -0.63 4.59 -0.58
C PRO A 7 -1.16 3.58 0.44
N ILE A 8 -1.92 2.61 -0.05
CA ILE A 8 -2.49 1.58 0.82
C ILE A 8 -1.50 0.44 1.03
N CYS A 9 -1.02 0.31 2.26
CA CYS A 9 -0.07 -0.75 2.60
C CYS A 9 -0.69 -1.76 3.54
N HIS A 10 -0.43 -3.04 3.29
CA HIS A 10 -0.97 -4.11 4.12
C HIS A 10 0.11 -5.12 4.48
N DPN A 11 1.34 -4.63 4.61
CA DPN A 11 2.47 -5.48 4.96
C DPN A 11 3.78 -4.70 4.91
O DPN A 11 3.80 -3.49 5.14
CB DPN A 11 2.28 -6.08 6.36
CG DPN A 11 2.49 -5.08 7.47
CD1 DPN A 11 1.66 -3.97 7.59
CD2 DPN A 11 3.50 -5.26 8.39
CE1 DPN A 11 1.85 -3.05 8.61
CE2 DPN A 11 3.70 -4.34 9.42
CZ DPN A 11 2.87 -3.24 9.52
H DPN A 11 1.50 -3.67 4.47
HA DPN A 11 2.52 -6.28 4.25
HB2 DPN A 11 2.98 -6.88 6.51
HB3 DPN A 11 1.27 -6.46 6.44
HD1 DPN A 11 0.87 -3.83 6.87
HD2 DPN A 11 4.15 -6.12 8.31
HE1 DPN A 11 1.21 -2.19 8.69
HE2 DPN A 11 4.50 -4.49 10.13
HZ DPN A 11 3.02 -2.53 10.32
N MMO A 12 4.87 -5.40 4.61
CA MMO A 12 6.18 -4.76 4.52
C MMO A 12 6.97 -5.32 3.34
O MMO A 12 7.86 -6.15 3.50
CB MMO A 12 6.96 -4.99 5.82
CG MMO A 12 6.62 -4.01 6.93
CD MMO A 12 7.79 -3.77 7.85
NE MMO A 12 8.42 -5.02 8.27
CZ MMO A 12 7.97 -5.80 9.25
NH2 MMO A 12 6.86 -5.45 9.90
NH1 MMO A 12 8.59 -6.92 9.56
CN MMO A 12 4.75 -6.83 4.35
HA MMO A 12 6.04 -3.71 4.39
HCB1 MMO A 12 6.76 -6.00 6.18
HCB2 MMO A 12 8.02 -4.90 5.62
HCG1 MMO A 12 6.33 -3.07 6.48
HCG2 MMO A 12 5.79 -4.40 7.49
HCD1 MMO A 12 8.52 -3.16 7.34
HCD2 MMO A 12 7.44 -3.26 8.73
HH21 MMO A 12 6.38 -4.60 9.67
HH22 MMO A 12 6.51 -6.03 10.65
HH11 MMO A 12 9.42 -7.18 9.07
HC1 MMO A 12 4.26 -7.32 5.21
HC2 MMO A 12 5.74 -7.27 4.21
HC3 MMO A 12 4.15 -7.00 3.45
HE MMO A 12 9.23 -5.30 7.80
HH12 MMO A 12 8.24 -7.49 10.29
N E9M A 13 6.65 -4.82 2.15
CA E9M A 13 5.61 -3.82 1.98
CG E9M A 13 7.44 -2.27 2.82
CD1 E9M A 13 8.69 -2.72 2.55
CD2 E9M A 13 7.50 -1.65 4.10
CE2 E9M A 13 8.83 -1.74 4.55
C E9M A 13 4.80 -4.07 0.72
O E9M A 13 4.97 -3.38 -0.28
CB E9M A 13 6.22 -2.42 1.94
CE3 E9M A 13 6.55 -1.00 4.92
NE1 E9M A 13 9.54 -2.41 3.58
CZ3 E9M A 13 6.97 -0.49 6.13
CZ2 E9M A 13 9.25 -1.23 5.77
CH2 E9M A 13 8.31 -0.60 6.56
CN2 E9M A 13 7.38 -5.30 0.96
HA E9M A 13 4.96 -3.89 2.84
HD1 E9M A 13 8.98 -3.24 1.65
HB3 E9M A 13 5.48 -1.70 2.28
HB2 E9M A 13 6.51 -2.19 0.94
HE3 E9M A 13 5.53 -0.91 4.61
HE1 E9M A 13 10.50 -2.62 3.62
HZ3 E9M A 13 6.26 0.01 6.77
HZ2 E9M A 13 10.27 -1.30 6.11
HH2 E9M A 13 8.59 -0.19 7.50
HN3 E9M A 13 7.29 -4.57 0.15
HN1 E9M A 13 6.95 -6.25 0.64
HN2 E9M A 13 8.43 -5.45 1.20
N ARG A 14 3.93 -5.07 0.77
CA ARG A 14 3.09 -5.41 -0.37
C ARG A 14 2.06 -4.32 -0.65
N CYS A 1 2.15 -2.77 -0.86
CA CYS A 1 1.18 -1.72 -1.12
C CYS A 1 0.46 -1.96 -2.44
N THR A 2 -0.66 -1.26 -2.63
CA THR A 2 -1.44 -1.40 -3.85
C THR A 2 -1.30 -0.18 -4.74
N ALA A 3 -0.33 0.67 -4.43
CA ALA A 3 -0.08 1.87 -5.21
C ALA A 3 -1.37 2.68 -5.39
N SER A 4 -1.98 3.07 -4.27
CA SER A 4 -3.22 3.84 -4.32
C SER A 4 -2.98 5.27 -3.85
N ILE A 5 -4.01 6.09 -3.93
CA ILE A 5 -3.92 7.48 -3.53
C ILE A 5 -5.01 7.84 -2.52
N PRO A 6 -4.60 8.03 -1.25
CA PRO A 6 -3.19 7.90 -0.84
C PRO A 6 -2.70 6.45 -0.90
N PRO A 7 -1.39 6.26 -0.78
CA PRO A 7 -0.76 4.94 -0.81
C PRO A 7 -1.08 4.12 0.43
N ILE A 8 -1.47 2.86 0.23
CA ILE A 8 -1.81 1.98 1.33
C ILE A 8 -0.93 0.73 1.32
N CYS A 9 -0.55 0.27 2.50
CA CYS A 9 0.29 -0.92 2.64
C CYS A 9 -0.36 -1.95 3.54
N HIS A 10 -0.42 -3.19 3.06
CA HIS A 10 -1.02 -4.27 3.84
C HIS A 10 0.02 -5.31 4.23
N DPN A 11 1.26 -4.86 4.39
CA DPN A 11 2.35 -5.74 4.77
C DPN A 11 3.67 -4.98 4.83
O DPN A 11 3.69 -3.77 5.05
CB DPN A 11 2.06 -6.40 6.12
CG DPN A 11 1.38 -5.48 7.09
CD1 DPN A 11 0.10 -5.77 7.54
CD2 DPN A 11 2.01 -4.35 7.56
CE1 DPN A 11 -0.54 -4.94 8.44
CE2 DPN A 11 1.38 -3.51 8.45
CZ DPN A 11 0.10 -3.80 8.89
H DPN A 11 1.44 -3.91 4.24
HA DPN A 11 2.43 -6.50 4.01
HB2 DPN A 11 3.00 -6.72 6.56
HB3 DPN A 11 1.43 -7.26 5.96
HD1 DPN A 11 -0.40 -6.66 7.19
HD2 DPN A 11 3.01 -4.11 7.21
HE1 DPN A 11 -1.54 -5.17 8.78
HE2 DPN A 11 1.89 -2.62 8.81
HZ DPN A 11 -0.39 -3.15 9.60
N MMO A 12 4.78 -5.70 4.65
CA MMO A 12 6.10 -5.09 4.69
C MMO A 12 6.98 -5.61 3.56
O MMO A 12 7.83 -6.47 3.76
CB MMO A 12 6.78 -5.36 6.04
CG MMO A 12 6.43 -4.34 7.11
CD MMO A 12 7.33 -4.49 8.32
NE MMO A 12 8.74 -4.43 7.98
CZ MMO A 12 9.72 -4.84 8.78
NH2 MMO A 12 9.43 -5.34 9.98
NH1 MMO A 12 10.99 -4.76 8.39
CN MMO A 12 4.66 -7.14 4.40
HA MMO A 12 5.98 -4.02 4.57
HCB1 MMO A 12 6.46 -6.34 6.39
HCB2 MMO A 12 7.84 -5.36 5.90
HCG1 MMO A 12 6.56 -3.36 6.71
HCG2 MMO A 12 5.41 -4.48 7.41
HCD1 MMO A 12 7.11 -3.69 9.02
HCD2 MMO A 12 7.12 -5.45 8.80
HH21 MMO A 12 8.48 -5.40 10.28
HH22 MMO A 12 10.17 -5.64 10.58
HH11 MMO A 12 11.20 -4.39 7.49
HC1 MMO A 12 4.10 -7.60 5.22
HC2 MMO A 12 5.66 -7.58 4.34
HC3 MMO A 12 4.13 -7.31 3.47
HE MMO A 12 8.97 -4.07 7.09
HH12 MMO A 12 11.72 -5.06 9.00
N E9M A 13 6.76 -5.07 2.36
CA E9M A 13 5.74 -4.05 2.15
CG E9M A 13 7.50 -2.53 3.15
CD1 E9M A 13 8.78 -2.98 3.01
CD2 E9M A 13 7.42 -1.91 4.44
CE2 E9M A 13 8.70 -2.01 5.03
C E9M A 13 5.01 -4.28 0.83
O E9M A 13 5.56 -4.03 -0.25
CB E9M A 13 6.39 -2.66 2.16
CE3 E9M A 13 6.40 -1.27 5.16
NE1 E9M A 13 9.51 -2.67 4.14
CZ3 E9M A 13 6.68 -0.77 6.42
CZ2 E9M A 13 8.98 -1.50 6.30
CH2 E9M A 13 7.97 -0.88 6.97
CN2 E9M A 13 7.57 -5.53 1.21
HA E9M A 13 5.04 -4.11 2.96
HD1 E9M A 13 9.15 -3.50 2.15
HB3 E9M A 13 5.64 -1.93 2.40
HB2 E9M A 13 6.80 -2.45 1.18
HE3 E9M A 13 5.42 -1.17 4.74
HE1 E9M A 13 10.45 -2.89 4.28
HZ3 E9M A 13 5.91 -0.27 6.98
HZ2 E9M A 13 9.96 -1.59 6.74
HH2 E9M A 13 8.14 -0.48 7.95
HN3 E9M A 13 7.71 -4.71 0.52
HN1 E9M A 13 7.06 -6.36 0.72
HN2 E9M A 13 8.54 -5.87 1.57
N ARG A 14 3.77 -4.74 0.92
CA ARG A 14 2.97 -5.01 -0.26
C ARG A 14 1.83 -3.99 -0.38
N CYS A 1 1.56 -2.55 -1.12
CA CYS A 1 0.47 -1.62 -1.39
C CYS A 1 -0.44 -2.15 -2.50
N THR A 2 -1.69 -1.68 -2.49
CA THR A 2 -2.66 -2.11 -3.49
C THR A 2 -3.80 -1.11 -3.61
N ALA A 3 -3.54 0.14 -3.22
CA ALA A 3 -4.54 1.18 -3.28
C ALA A 3 -3.93 2.49 -3.78
N SER A 4 -4.70 3.22 -4.59
CA SER A 4 -4.24 4.48 -5.15
C SER A 4 -4.02 5.52 -4.05
N ILE A 5 -3.31 6.59 -4.37
CA ILE A 5 -3.04 7.65 -3.41
C ILE A 5 -4.31 8.11 -2.72
N PRO A 6 -4.29 8.13 -1.38
CA PRO A 6 -3.12 7.71 -0.61
C PRO A 6 -2.87 6.21 -0.69
N PRO A 7 -1.58 5.84 -0.88
CA PRO A 7 -1.18 4.44 -0.98
C PRO A 7 -1.30 3.70 0.34
N ILE A 8 -2.04 2.59 0.33
CA ILE A 8 -2.23 1.78 1.53
C ILE A 8 -1.51 0.45 1.43
N CYS A 9 -0.70 0.14 2.43
CA CYS A 9 0.05 -1.11 2.45
C CYS A 9 -0.52 -2.07 3.49
N HIS A 10 -0.37 -3.37 3.24
CA HIS A 10 -0.87 -4.38 4.16
C HIS A 10 0.23 -5.39 4.50
N DPN A 11 1.46 -4.89 4.60
CA DPN A 11 2.59 -5.74 4.94
C DPN A 11 3.90 -4.96 4.87
O DPN A 11 3.92 -3.74 5.10
CB DPN A 11 2.42 -6.34 6.34
CG DPN A 11 2.82 -5.42 7.44
CD1 DPN A 11 2.33 -4.12 7.50
CD2 DPN A 11 3.69 -5.85 8.43
CE1 DPN A 11 2.70 -3.27 8.52
CE2 DPN A 11 4.06 -5.00 9.46
CZ DPN A 11 3.57 -3.70 9.50
H DPN A 11 1.60 -3.93 4.46
HA DPN A 11 2.63 -6.54 4.21
HB2 DPN A 11 3.02 -7.24 6.41
HB3 DPN A 11 1.38 -6.61 6.47
HD1 DPN A 11 1.65 -3.78 6.73
HD2 DPN A 11 4.08 -6.85 8.41
HE1 DPN A 11 2.31 -2.26 8.55
HE2 DPN A 11 4.75 -5.33 10.22
HZ DPN A 11 3.85 -3.04 10.30
N MMO A 12 4.99 -5.65 4.56
CA MMO A 12 6.29 -5.01 4.47
C MMO A 12 7.04 -5.48 3.22
O MMO A 12 7.89 -6.37 3.29
CB MMO A 12 7.13 -5.32 5.71
CG MMO A 12 6.76 -4.45 6.91
CD MMO A 12 7.94 -4.29 7.86
NE MMO A 12 8.60 -5.56 8.13
CZ MMO A 12 8.17 -6.44 9.03
NH2 MMO A 12 7.08 -6.19 9.74
NH1 MMO A 12 8.83 -7.58 9.22
CN MMO A 12 4.88 -7.09 4.30
HA MMO A 12 6.15 -3.95 4.40
HCB1 MMO A 12 6.98 -6.35 5.99
HCB2 MMO A 12 8.18 -5.16 5.49
HCG1 MMO A 12 6.46 -3.48 6.57
HCG2 MMO A 12 5.94 -4.93 7.44
HCD1 MMO A 12 8.65 -3.61 7.41
HCD2 MMO A 12 7.58 -3.87 8.79
HH21 MMO A 12 6.59 -5.34 9.60
HH22 MMO A 12 6.76 -6.85 10.41
HH11 MMO A 12 9.66 -7.78 8.69
HC1 MMO A 12 4.26 -7.25 3.42
HC2 MMO A 12 4.41 -7.58 5.15
HC3 MMO A 12 5.87 -7.51 4.14
HE MMO A 12 9.42 -5.77 7.62
HH12 MMO A 12 8.51 -8.24 9.90
N E9M A 13 6.70 -4.89 2.08
CA E9M A 13 5.68 -3.86 2.03
CG E9M A 13 7.57 -2.43 2.92
CD1 E9M A 13 8.81 -2.87 2.57
CD2 E9M A 13 7.69 -1.91 4.25
CE2 E9M A 13 9.03 -2.08 4.65
C E9M A 13 4.83 -3.99 0.77
O E9M A 13 5.32 -3.75 -0.34
CB E9M A 13 6.32 -2.47 2.08
CE3 E9M A 13 6.79 -1.33 5.15
NE1 E9M A 13 9.70 -2.66 3.60
CZ3 E9M A 13 7.24 -0.93 6.39
CZ2 E9M A 13 9.49 -1.68 5.90
CH2 E9M A 13 8.59 -1.11 6.76
CN2 E9M A 13 7.38 -5.30 0.84
HA E9M A 13 5.05 -3.97 2.89
HD1 E9M A 13 9.05 -3.32 1.62
HB3 E9M A 13 5.63 -1.77 2.49
HB2 E9M A 13 6.60 -2.17 1.08
HE3 E9M A 13 5.75 -1.18 4.88
HE1 E9M A 13 10.65 -2.89 3.59
HZ3 E9M A 13 6.57 -0.48 7.09
HZ2 E9M A 13 10.52 -1.80 6.20
HH2 E9M A 13 8.90 -0.78 7.74
HN3 E9M A 13 6.70 -5.92 0.24
HN1 E9M A 13 8.28 -5.86 1.08
HN2 E9M A 13 7.65 -4.41 0.26
N ARG A 14 3.58 -4.36 0.94
CA ARG A 14 2.66 -4.52 -0.18
C ARG A 14 1.56 -3.47 -0.14
#